data_5LMK
#
_entry.id   5LMK
#
_cell.length_a   74.466
_cell.length_b   134.395
_cell.length_c   149.481
_cell.angle_alpha   90.00
_cell.angle_beta   90.00
_cell.angle_gamma   90.00
#
_symmetry.space_group_name_H-M   'P 21 21 21'
#
loop_
_entity.id
_entity.type
_entity.pdbx_description
1 polymer 'Cyclin-dependent kinase 2'
2 polymer Cyclin-A2
3 polymer 'Cyclin-dependent kinase 2'
4 non-polymer 4-[4-[3-bromanyl-7-(pyridin-3-ylmethylamino)pyrazolo[1,5-a]pyrimidin-5-yl]phenyl]benzamide
5 non-polymer MONOTHIOGLYCEROL
6 non-polymer 'MAGNESIUM ION'
7 water water
#
loop_
_entity_poly.entity_id
_entity_poly.type
_entity_poly.pdbx_seq_one_letter_code
_entity_poly.pdbx_strand_id
1 'polypeptide(L)'
;SMENFQKVEKIGEGTYGVVYKARNKLTGEVVALKKIRLDTETEGVPSTAIREISLLKELNHPNIVKLLDVIHTENKLYLV
FEFLHQDLKKFMDASALTGIPLPLIKSYLFQLLQGLAFCHSHRVLHRDLKPQNLLINTEGAIKLADFGLARAFGVPVRTY
(TPO)HEVVTLWYRAPEILLGCKYYSTAVDIWSLGCIFAEMVTRRALFPGDSEIDQLFRIFRTLGTPDEVVWPGVTSMPD
YKPSFPKWARQDFSKVVPPLDEDGRSLLSQMLHYDPNKRISAKAALAHPFFQDVTKPVPHLRL
;
A
2 'polypeptide(L)'
;VPDYHEDIHTYLREMEVKCKPKVGYMKKQPDITNSMRAILVDWLVEVGEEYKLQNETLHLAVNYIDRFLSSMSVLRGKLQ
LVGTAAMLLASKFEEIYPPEVAEFVYITDDTYTKKQVLRMEHLVLKVLTFDLAAPTVNQFLTQYFLHQQPANCKVESLAM
FLGELSLIDADPYLKYLPSVIAGAAFHLALYTVTGQSWPESLIRKTGYTLESLKPCLMDLHQTYLKAPQHAQQSIREKYK
NSKYHGVSLLNPPETLNL
;
B,D
3 'polypeptide(L)'
;SMENFQKVEKIGEGTYGVVYKARNKLTGEVVALKKIRLDTETEGVPSTAIREISLLKELNHPNIVKLLDVIHTENKLYLV
FEFLHQDLKKFMDASALTGIPLPLIKSYLFQLLQGLAFCHSHRVLHRDLKPQNLLINTEGAIKLADFGLARAFGVPVRTY
(TPO)HEVVTLWYRAPEILLGCKYYSTAVDIWSLGCIFAEMVTRRALFPGDSEIDQLFRIFRTLGTPDEVVWPGVTSMPD
YKPSFPKWARQDFSKVVPPLDEDGRSLLSQMLHYDPNKRISAKAALAHPFFQDVTKPVPHL
;
C
#
loop_
_chem_comp.id
_chem_comp.type
_chem_comp.name
_chem_comp.formula
6ZK non-polymer 4-[4-[3-bromanyl-7-(pyridin-3-ylmethylamino)pyrazolo[1,5-a]pyrimidin-5-yl]phenyl]benzamide 'C25 H19 Br N6 O'
MG non-polymer 'MAGNESIUM ION' 'Mg 2'
SGM non-polymer MONOTHIOGLYCEROL 'C3 H8 O2 S'
#
# COMPACT_ATOMS: atom_id res chain seq x y z
N SER A 1 -17.89 11.40 -0.08
CA SER A 1 -16.78 10.80 -0.89
C SER A 1 -16.69 11.41 -2.30
N MET A 2 -17.84 11.63 -2.92
CA MET A 2 -17.96 12.33 -4.21
C MET A 2 -18.20 13.84 -4.03
N GLU A 3 -18.24 14.28 -2.77
CA GLU A 3 -18.54 15.66 -2.36
C GLU A 3 -17.54 16.70 -2.90
N ASN A 4 -16.27 16.33 -2.96
CA ASN A 4 -15.21 17.22 -3.44
C ASN A 4 -15.11 17.34 -4.98
N PHE A 5 -15.88 16.52 -5.70
CA PHE A 5 -15.89 16.55 -7.15
C PHE A 5 -17.14 17.26 -7.69
N GLN A 6 -16.93 18.07 -8.71
CA GLN A 6 -17.98 18.81 -9.39
C GLN A 6 -17.95 18.43 -10.86
N LYS A 7 -19.00 17.75 -11.31
CA LYS A 7 -19.15 17.35 -12.73
C LYS A 7 -19.33 18.57 -13.63
N VAL A 8 -18.72 18.51 -14.82
CA VAL A 8 -18.80 19.58 -15.81
C VAL A 8 -19.67 19.16 -16.99
N GLU A 9 -19.38 17.98 -17.55
CA GLU A 9 -20.05 17.45 -18.75
C GLU A 9 -19.72 15.98 -18.98
N LYS A 10 -20.58 15.30 -19.75
CA LYS A 10 -20.31 13.95 -20.22
C LYS A 10 -19.27 13.97 -21.34
N ILE A 11 -18.27 13.10 -21.20
CA ILE A 11 -17.22 12.96 -22.22
C ILE A 11 -17.57 11.86 -23.23
N GLY A 12 -18.11 10.74 -22.74
CA GLY A 12 -18.50 9.62 -23.60
C GLY A 12 -18.62 8.27 -22.92
N GLU A 13 -18.83 7.25 -23.73
CA GLU A 13 -19.01 5.87 -23.25
C GLU A 13 -18.01 4.92 -23.92
N GLY A 14 -17.27 4.20 -23.08
CA GLY A 14 -16.29 3.21 -23.54
C GLY A 14 -16.84 1.79 -23.41
N THR A 15 -15.99 0.88 -22.95
CA THR A 15 -16.34 -0.54 -22.81
C THR A 15 -17.45 -0.78 -21.77
N TYR A 16 -17.34 -0.13 -20.62
CA TYR A 16 -18.37 -0.16 -19.57
C TYR A 16 -18.52 1.22 -18.94
N GLY A 17 -19.71 1.53 -18.43
CA GLY A 17 -19.98 2.77 -17.72
C GLY A 17 -19.96 4.02 -18.57
N VAL A 18 -19.86 5.18 -17.89
CA VAL A 18 -19.92 6.51 -18.52
C VAL A 18 -18.82 7.42 -17.94
N VAL A 19 -18.11 8.14 -18.81
CA VAL A 19 -17.02 9.04 -18.44
C VAL A 19 -17.46 10.51 -18.42
N TYR A 20 -17.22 11.17 -17.29
CA TYR A 20 -17.54 12.59 -17.09
C TYR A 20 -16.30 13.42 -16.81
N LYS A 21 -16.26 14.63 -17.35
CA LYS A 21 -15.27 15.63 -16.95
C LYS A 21 -15.69 16.20 -15.61
N ALA A 22 -14.74 16.29 -14.67
CA ALA A 22 -15.02 16.84 -13.35
C ALA A 22 -13.86 17.67 -12.81
N ARG A 23 -14.13 18.39 -11.72
CA ARG A 23 -13.17 19.27 -11.07
CA ARG A 23 -13.17 19.27 -11.08
C ARG A 23 -13.13 18.99 -9.57
N ASN A 24 -11.93 18.72 -9.07
CA ASN A 24 -11.70 18.58 -7.63
C ASN A 24 -11.79 19.99 -7.03
N LYS A 25 -12.77 20.19 -6.15
CA LYS A 25 -13.05 21.50 -5.56
C LYS A 25 -11.94 22.04 -4.67
N LEU A 26 -11.22 21.13 -4.03
CA LEU A 26 -10.19 21.48 -3.06
C LEU A 26 -8.80 21.70 -3.67
N THR A 27 -8.38 20.79 -4.54
CA THR A 27 -7.05 20.88 -5.19
C THR A 27 -7.06 21.67 -6.50
N GLY A 28 -8.25 21.77 -7.12
CA GLY A 28 -8.39 22.41 -8.42
C GLY A 28 -8.20 21.47 -9.61
N GLU A 29 -7.77 20.23 -9.34
CA GLU A 29 -7.47 19.26 -10.40
C GLU A 29 -8.69 18.89 -11.24
N VAL A 30 -8.52 18.95 -12.55
CA VAL A 30 -9.50 18.49 -13.53
C VAL A 30 -9.28 16.99 -13.74
N VAL A 31 -10.36 16.23 -13.56
CA VAL A 31 -10.32 14.76 -13.65
C VAL A 31 -11.35 14.20 -14.64
N ALA A 32 -11.24 12.90 -14.93
CA ALA A 32 -12.29 12.16 -15.64
C ALA A 32 -12.89 11.10 -14.72
N LEU A 33 -14.20 11.13 -14.55
CA LEU A 33 -14.88 10.17 -13.69
C LEU A 33 -15.57 9.12 -14.52
N LYS A 34 -15.22 7.86 -14.27
CA LYS A 34 -15.86 6.72 -14.91
C LYS A 34 -16.88 6.12 -13.93
N LYS A 35 -18.16 6.34 -14.24
CA LYS A 35 -19.27 5.91 -13.39
C LYS A 35 -19.80 4.55 -13.82
N ILE A 36 -19.82 3.60 -12.89
CA ILE A 36 -20.47 2.30 -13.10
C ILE A 36 -21.62 2.16 -12.11
N ARG A 37 -22.81 1.83 -12.62
CA ARG A 37 -23.98 1.57 -11.78
C ARG A 37 -24.12 0.09 -11.49
N LEU A 38 -24.33 -0.22 -10.22
CA LEU A 38 -24.51 -1.60 -9.76
C LEU A 38 -25.96 -1.81 -9.31
N ASP A 39 -26.89 -1.56 -10.25
CA ASP A 39 -28.34 -1.59 -10.01
C ASP A 39 -28.87 -3.00 -9.81
N THR A 42 -28.05 -7.52 -9.66
CA THR A 42 -27.61 -7.75 -11.04
C THR A 42 -26.72 -9.00 -11.16
N GLU A 43 -25.41 -8.78 -11.33
CA GLU A 43 -24.42 -9.86 -11.42
C GLU A 43 -23.15 -9.47 -10.66
N GLY A 44 -23.27 -8.44 -9.81
CA GLY A 44 -22.14 -7.89 -9.05
C GLY A 44 -21.29 -6.93 -9.88
N VAL A 45 -20.03 -6.79 -9.51
CA VAL A 45 -19.09 -5.94 -10.23
C VAL A 45 -18.71 -6.63 -11.56
N PRO A 46 -18.86 -5.93 -12.71
CA PRO A 46 -18.54 -6.56 -14.01
C PRO A 46 -17.06 -6.93 -14.12
N SER A 47 -16.78 -8.03 -14.83
CA SER A 47 -15.41 -8.50 -15.04
C SER A 47 -14.52 -7.46 -15.73
N THR A 48 -15.13 -6.63 -16.57
CA THR A 48 -14.45 -5.54 -17.26
C THR A 48 -13.90 -4.48 -16.28
N ALA A 49 -14.72 -4.10 -15.28
CA ALA A 49 -14.30 -3.19 -14.22
C ALA A 49 -13.24 -3.82 -13.31
N ILE A 50 -13.41 -5.10 -13.01
CA ILE A 50 -12.44 -5.87 -12.19
C ILE A 50 -11.06 -5.92 -12.86
N ARG A 51 -11.05 -6.22 -14.17
CA ARG A 51 -9.82 -6.24 -14.96
C ARG A 51 -9.16 -4.86 -15.09
N GLU A 52 -9.94 -3.83 -15.45
CA GLU A 52 -9.39 -2.48 -15.63
C GLU A 52 -8.75 -1.93 -14.35
N ILE A 53 -9.46 -2.04 -13.22
CA ILE A 53 -8.97 -1.51 -11.94
C ILE A 53 -7.67 -2.20 -11.49
N SER A 54 -7.71 -3.54 -11.37
CA SER A 54 -6.55 -4.30 -10.91
C SER A 54 -5.32 -4.10 -11.78
N LEU A 55 -5.51 -4.14 -13.11
CA LEU A 55 -4.39 -3.98 -14.03
C LEU A 55 -3.80 -2.57 -14.04
N LEU A 56 -4.67 -1.54 -13.98
CA LEU A 56 -4.20 -0.14 -13.99
C LEU A 56 -3.52 0.35 -12.71
N LYS A 57 -3.83 -0.29 -11.58
CA LYS A 57 -3.16 -0.02 -10.30
C LYS A 57 -1.70 -0.50 -10.30
N GLU A 58 -1.39 -1.45 -11.18
CA GLU A 58 -0.04 -1.95 -11.41
C GLU A 58 0.73 -1.09 -12.42
N LEU A 59 0.02 -0.58 -13.42
CA LEU A 59 0.62 0.07 -14.58
C LEU A 59 0.75 1.60 -14.43
N ASN A 60 1.80 2.02 -13.74
CA ASN A 60 2.14 3.44 -13.64
C ASN A 60 3.20 3.81 -14.66
N HIS A 61 2.78 4.58 -15.66
CA HIS A 61 3.60 4.95 -16.81
C HIS A 61 3.05 6.24 -17.43
N PRO A 62 3.94 7.16 -17.88
CA PRO A 62 3.52 8.43 -18.51
C PRO A 62 2.70 8.31 -19.82
N ASN A 63 2.73 7.15 -20.47
CA ASN A 63 1.94 6.90 -21.68
C ASN A 63 0.80 5.90 -21.47
N ILE A 64 0.41 5.74 -20.21
CA ILE A 64 -0.79 5.01 -19.82
C ILE A 64 -1.61 5.94 -18.93
N VAL A 65 -2.89 6.15 -19.30
CA VAL A 65 -3.81 7.00 -18.55
C VAL A 65 -3.83 6.59 -17.06
N LYS A 66 -3.60 7.57 -16.17
CA LYS A 66 -3.42 7.26 -14.75
C LYS A 66 -4.74 7.14 -14.00
N LEU A 67 -4.91 5.99 -13.34
CA LEU A 67 -5.98 5.78 -12.35
C LEU A 67 -5.55 6.40 -11.02
N LEU A 68 -6.29 7.42 -10.59
CA LEU A 68 -5.95 8.20 -9.41
C LEU A 68 -6.57 7.65 -8.14
N ASP A 69 -7.81 7.16 -8.25
CA ASP A 69 -8.58 6.70 -7.11
C ASP A 69 -9.77 5.82 -7.54
N VAL A 70 -10.28 5.05 -6.58
CA VAL A 70 -11.46 4.21 -6.74
C VAL A 70 -12.41 4.54 -5.57
N ILE A 71 -13.59 5.05 -5.91
CA ILE A 71 -14.60 5.43 -4.90
C ILE A 71 -15.79 4.46 -4.97
N HIS A 72 -16.02 3.78 -3.86
CA HIS A 72 -16.77 2.53 -3.82
C HIS A 72 -17.97 2.60 -2.89
N THR A 73 -19.03 3.28 -3.35
CA THR A 73 -20.30 3.40 -2.63
C THR A 73 -21.08 2.07 -2.67
N GLU A 74 -22.15 2.00 -1.85
CA GLU A 74 -23.13 0.92 -1.85
C GLU A 74 -23.81 0.69 -3.21
N ASN A 75 -24.20 1.80 -3.87
CA ASN A 75 -24.91 1.78 -5.14
C ASN A 75 -24.03 1.94 -6.38
N LYS A 76 -23.05 2.86 -6.30
CA LYS A 76 -22.20 3.20 -7.45
C LYS A 76 -20.70 3.01 -7.22
N LEU A 77 -20.01 2.68 -8.30
CA LEU A 77 -18.55 2.61 -8.32
C LEU A 77 -18.00 3.67 -9.27
N TYR A 78 -17.17 4.57 -8.74
CA TYR A 78 -16.53 5.64 -9.50
C TYR A 78 -15.03 5.43 -9.61
N LEU A 79 -14.52 5.46 -10.85
CA LEU A 79 -13.07 5.48 -11.08
C LEU A 79 -12.63 6.90 -11.41
N VAL A 80 -11.66 7.40 -10.65
CA VAL A 80 -11.10 8.74 -10.88
C VAL A 80 -9.83 8.63 -11.73
N PHE A 81 -9.89 9.16 -12.95
CA PHE A 81 -8.76 9.18 -13.88
C PHE A 81 -8.19 10.60 -14.02
N GLU A 82 -6.93 10.69 -14.46
CA GLU A 82 -6.38 11.95 -14.97
C GLU A 82 -7.18 12.37 -16.22
N PHE A 83 -7.32 13.69 -16.40
CA PHE A 83 -8.06 14.22 -17.54
C PHE A 83 -7.11 14.56 -18.68
N LEU A 84 -7.46 14.08 -19.88
CA LEU A 84 -6.77 14.50 -21.10
C LEU A 84 -7.73 15.26 -22.02
N HIS A 85 -7.19 16.20 -22.80
CA HIS A 85 -7.97 17.21 -23.53
C HIS A 85 -8.74 16.69 -24.74
N GLN A 86 -8.18 15.69 -25.42
CA GLN A 86 -8.71 15.22 -26.71
C GLN A 86 -8.36 13.74 -26.93
N ASP A 87 -9.19 13.05 -27.73
CA ASP A 87 -8.86 11.71 -28.23
C ASP A 87 -8.35 11.80 -29.67
N LEU A 88 -7.57 10.81 -30.10
CA LEU A 88 -6.89 10.82 -31.40
C LEU A 88 -7.82 10.86 -32.62
N LYS A 89 -8.99 10.21 -32.51
CA LYS A 89 -9.97 10.20 -33.61
C LYS A 89 -10.46 11.62 -33.93
N LYS A 90 -10.99 12.30 -32.91
CA LYS A 90 -11.48 13.68 -33.04
C LYS A 90 -10.40 14.68 -33.47
N PHE A 91 -9.16 14.41 -33.05
CA PHE A 91 -8.01 15.22 -33.46
C PHE A 91 -7.70 15.06 -34.96
N MET A 92 -7.81 13.82 -35.47
CA MET A 92 -7.58 13.53 -36.89
C MET A 92 -8.63 14.13 -37.82
N ASP A 93 -9.87 14.21 -37.33
CA ASP A 93 -10.98 14.88 -38.02
C ASP A 93 -10.78 16.41 -38.13
N ALA A 94 -10.31 17.02 -37.04
CA ALA A 94 -10.00 18.46 -37.00
C ALA A 94 -8.76 18.84 -37.83
N SER A 95 -7.87 17.87 -38.04
CA SER A 95 -6.64 18.06 -38.80
C SER A 95 -6.79 17.77 -40.32
N ALA A 96 -8.04 17.65 -40.78
CA ALA A 96 -8.36 17.29 -42.17
C ALA A 96 -7.73 18.20 -43.24
N LEU A 97 -7.75 19.51 -43.00
CA LEU A 97 -7.22 20.50 -43.96
C LEU A 97 -5.68 20.56 -43.95
N THR A 98 -5.10 20.82 -42.77
CA THR A 98 -3.66 21.02 -42.63
C THR A 98 -2.83 19.72 -42.65
N GLY A 99 -3.45 18.62 -42.21
CA GLY A 99 -2.74 17.36 -41.97
C GLY A 99 -2.04 17.38 -40.61
N ILE A 100 -1.50 16.22 -40.22
CA ILE A 100 -0.71 16.10 -38.99
C ILE A 100 0.77 16.10 -39.35
N PRO A 101 1.55 17.06 -38.78
CA PRO A 101 3.00 17.14 -39.01
C PRO A 101 3.73 15.84 -38.65
N LEU A 102 4.68 15.47 -39.49
CA LEU A 102 5.46 14.24 -39.34
C LEU A 102 6.22 14.11 -38.00
N PRO A 103 6.79 15.22 -37.46
CA PRO A 103 7.36 15.12 -36.10
C PRO A 103 6.35 14.72 -35.01
N LEU A 104 5.10 15.16 -35.15
CA LEU A 104 4.03 14.80 -34.21
C LEU A 104 3.59 13.34 -34.34
N ILE A 105 3.43 12.86 -35.58
CA ILE A 105 3.16 11.43 -35.87
C ILE A 105 4.27 10.53 -35.30
N LYS A 106 5.53 10.91 -35.56
CA LYS A 106 6.72 10.18 -35.09
C LYS A 106 6.76 10.12 -33.56
N SER A 107 6.57 11.28 -32.92
CA SER A 107 6.47 11.41 -31.47
C SER A 107 5.35 10.54 -30.89
N TYR A 108 4.14 10.66 -31.45
CA TYR A 108 2.98 9.89 -30.99
C TYR A 108 3.23 8.38 -31.06
N LEU A 109 3.76 7.91 -32.19
CA LEU A 109 4.09 6.49 -32.35
C LEU A 109 5.14 6.00 -31.34
N PHE A 110 6.18 6.81 -31.12
CA PHE A 110 7.26 6.49 -30.18
C PHE A 110 6.71 6.32 -28.75
N GLN A 111 5.87 7.27 -28.33
CA GLN A 111 5.20 7.26 -27.03
C GLN A 111 4.24 6.08 -26.86
N LEU A 112 3.48 5.78 -27.90
CA LEU A 112 2.56 4.63 -27.91
C LEU A 112 3.28 3.30 -27.79
N LEU A 113 4.43 3.18 -28.45
CA LEU A 113 5.27 2.00 -28.34
C LEU A 113 5.91 1.85 -26.95
N GLN A 114 6.21 2.97 -26.30
CA GLN A 114 6.66 2.98 -24.90
C GLN A 114 5.59 2.45 -23.94
N GLY A 115 4.36 2.98 -24.05
CA GLY A 115 3.23 2.54 -23.24
C GLY A 115 2.90 1.07 -23.46
N LEU A 116 2.98 0.64 -24.72
CA LEU A 116 2.70 -0.74 -25.09
C LEU A 116 3.76 -1.73 -24.61
N ALA A 117 5.04 -1.35 -24.73
CA ALA A 117 6.17 -2.13 -24.21
C ALA A 117 6.06 -2.34 -22.69
N PHE A 118 5.65 -1.30 -21.97
CA PHE A 118 5.40 -1.36 -20.53
C PHE A 118 4.26 -2.34 -20.19
N CYS A 119 3.16 -2.28 -20.95
CA CYS A 119 2.04 -3.21 -20.79
C CYS A 119 2.49 -4.66 -20.95
N HIS A 120 3.23 -4.93 -22.03
CA HIS A 120 3.66 -6.28 -22.37
C HIS A 120 4.74 -6.84 -21.45
N SER A 121 5.65 -5.97 -20.99
CA SER A 121 6.61 -6.29 -19.94
C SER A 121 5.97 -6.65 -18.60
N HIS A 122 4.75 -6.19 -18.38
CA HIS A 122 3.99 -6.46 -17.17
C HIS A 122 2.82 -7.43 -17.41
N ARG A 123 3.02 -8.34 -18.37
CA ARG A 123 2.06 -9.38 -18.80
C ARG A 123 0.60 -8.92 -19.03
N VAL A 124 0.44 -7.73 -19.61
CA VAL A 124 -0.89 -7.16 -19.93
C VAL A 124 -1.08 -6.98 -21.44
N LEU A 125 -2.16 -7.55 -21.97
CA LEU A 125 -2.61 -7.30 -23.34
C LEU A 125 -3.72 -6.26 -23.32
N HIS A 126 -3.63 -5.22 -24.15
CA HIS A 126 -4.69 -4.18 -24.20
C HIS A 126 -5.92 -4.67 -24.95
N ARG A 127 -5.73 -5.13 -26.19
CA ARG A 127 -6.75 -5.82 -27.02
C ARG A 127 -7.91 -4.92 -27.50
N ASP A 128 -7.70 -3.60 -27.45
CA ASP A 128 -8.69 -2.63 -27.94
C ASP A 128 -8.03 -1.32 -28.36
N LEU A 129 -6.86 -1.42 -28.97
CA LEU A 129 -6.20 -0.21 -29.47
C LEU A 129 -6.92 0.28 -30.70
N LYS A 130 -7.32 1.55 -30.64
CA LYS A 130 -8.03 2.29 -31.69
C LYS A 130 -7.95 3.77 -31.31
N PRO A 131 -8.07 4.69 -32.30
CA PRO A 131 -7.87 6.14 -32.05
C PRO A 131 -8.68 6.74 -30.90
N GLN A 132 -9.91 6.24 -30.70
CA GLN A 132 -10.79 6.64 -29.59
C GLN A 132 -10.17 6.37 -28.21
N ASN A 133 -9.38 5.31 -28.12
CA ASN A 133 -8.73 4.89 -26.87
C ASN A 133 -7.32 5.47 -26.65
N LEU A 134 -6.94 6.41 -27.51
CA LEU A 134 -5.63 7.06 -27.45
C LEU A 134 -5.87 8.54 -27.21
N LEU A 135 -5.42 9.01 -26.05
CA LEU A 135 -5.76 10.34 -25.55
C LEU A 135 -4.56 11.28 -25.54
N ILE A 136 -4.80 12.54 -25.88
CA ILE A 136 -3.74 13.55 -26.05
C ILE A 136 -3.94 14.80 -25.18
N ASN A 137 -2.85 15.36 -24.66
CA ASN A 137 -2.90 16.64 -23.97
C ASN A 137 -2.24 17.78 -24.76
N THR A 138 -2.37 19.02 -24.26
CA THR A 138 -1.79 20.20 -24.90
C THR A 138 -0.25 20.19 -24.91
N GLU A 139 0.35 19.43 -23.98
CA GLU A 139 1.81 19.37 -23.84
C GLU A 139 2.53 18.42 -24.81
N GLY A 140 1.77 17.67 -25.60
CA GLY A 140 2.35 16.75 -26.59
C GLY A 140 2.36 15.28 -26.20
N ALA A 141 1.77 14.95 -25.05
CA ALA A 141 1.66 13.55 -24.61
C ALA A 141 0.51 12.81 -25.28
N ILE A 142 0.73 11.54 -25.60
CA ILE A 142 -0.34 10.61 -26.02
C ILE A 142 -0.34 9.40 -25.06
N LYS A 143 -1.53 8.93 -24.68
CA LYS A 143 -1.67 7.90 -23.65
C LYS A 143 -2.69 6.81 -24.02
N LEU A 144 -2.35 5.56 -23.71
CA LEU A 144 -3.28 4.43 -23.84
C LEU A 144 -4.39 4.53 -22.78
N ALA A 145 -5.63 4.30 -23.21
CA ALA A 145 -6.80 4.37 -22.33
C ALA A 145 -7.78 3.24 -22.57
N ASP A 146 -8.70 3.07 -21.62
CA ASP A 146 -9.74 2.02 -21.59
C ASP A 146 -9.17 0.60 -21.64
N PHE A 147 -8.86 0.10 -20.45
CA PHE A 147 -8.34 -1.25 -20.26
C PHE A 147 -9.47 -2.23 -19.90
N GLY A 148 -10.71 -1.84 -20.23
CA GLY A 148 -11.90 -2.67 -20.05
C GLY A 148 -11.84 -4.01 -20.75
N LEU A 149 -11.25 -4.04 -21.95
CA LEU A 149 -11.06 -5.28 -22.70
C LEU A 149 -9.67 -5.92 -22.50
N ALA A 150 -8.87 -5.36 -21.58
CA ALA A 150 -7.53 -5.86 -21.29
C ALA A 150 -7.55 -7.15 -20.48
N ARG A 151 -6.45 -7.91 -20.54
CA ARG A 151 -6.28 -9.10 -19.70
C ARG A 151 -4.83 -9.43 -19.32
N ALA A 152 -4.64 -9.99 -18.13
CA ALA A 152 -3.33 -10.48 -17.68
C ALA A 152 -3.02 -11.83 -18.33
N PHE A 153 -1.88 -11.92 -19.01
CA PHE A 153 -1.53 -13.17 -19.70
C PHE A 153 -0.44 -13.98 -19.00
N GLY A 154 -0.36 -15.26 -19.37
CA GLY A 154 0.66 -16.16 -18.88
C GLY A 154 1.68 -16.47 -19.96
N VAL A 155 2.80 -17.07 -19.55
CA VAL A 155 3.92 -17.42 -20.43
C VAL A 155 4.14 -18.93 -20.31
N PRO A 156 3.92 -19.72 -21.38
CA PRO A 156 3.33 -19.24 -22.64
C PRO A 156 1.82 -19.04 -22.50
N VAL A 157 1.20 -18.42 -23.50
CA VAL A 157 -0.25 -18.09 -23.46
C VAL A 157 -1.17 -19.33 -23.52
N ARG A 158 -2.36 -19.21 -22.91
CA ARG A 158 -3.50 -20.11 -23.18
C ARG A 158 -4.37 -19.49 -24.26
N THR A 159 -5.43 -20.22 -24.62
CA THR A 159 -6.55 -19.69 -25.40
C THR A 159 -7.34 -18.69 -24.56
N TYR A 160 -7.47 -17.47 -25.07
CA TYR A 160 -8.27 -16.41 -24.45
C TYR A 160 -9.48 -16.10 -25.34
N TPO A 161 -10.28 -15.11 -24.93
CA TPO A 161 -11.52 -14.70 -25.63
CB TPO A 161 -12.12 -13.47 -24.94
CG2 TPO A 161 -13.46 -13.00 -25.49
OG1 TPO A 161 -12.28 -13.76 -23.54
P TPO A 161 -11.40 -12.99 -22.41
O1P TPO A 161 -11.78 -11.54 -22.59
O2P TPO A 161 -9.96 -13.32 -22.72
O3P TPO A 161 -11.88 -13.63 -21.12
C TPO A 161 -11.26 -14.42 -27.10
O TPO A 161 -10.28 -13.75 -27.46
N HIS A 162 -12.15 -14.93 -27.95
CA HIS A 162 -12.03 -14.79 -29.41
C HIS A 162 -12.49 -13.44 -29.95
N GLU A 163 -13.62 -12.92 -29.45
CA GLU A 163 -14.27 -11.70 -29.97
C GLU A 163 -13.33 -10.50 -30.21
N VAL A 164 -12.45 -10.28 -29.23
CA VAL A 164 -11.43 -9.21 -29.14
C VAL A 164 -11.02 -8.33 -30.33
N VAL A 165 -10.79 -7.05 -30.01
CA VAL A 165 -10.32 -5.99 -30.92
C VAL A 165 -11.41 -5.59 -31.93
N THR A 166 -11.70 -4.29 -31.97
CA THR A 166 -12.58 -3.69 -32.99
C THR A 166 -12.08 -4.05 -34.40
N LEU A 167 -13.01 -4.49 -35.24
CA LEU A 167 -12.74 -5.11 -36.56
C LEU A 167 -11.66 -4.49 -37.43
N TRP A 168 -11.64 -3.16 -37.53
CA TRP A 168 -10.70 -2.42 -38.40
C TRP A 168 -9.23 -2.60 -37.96
N TYR A 169 -9.04 -2.87 -36.67
CA TYR A 169 -7.71 -2.93 -36.07
C TYR A 169 -7.34 -4.35 -35.63
N ARG A 170 -8.18 -5.32 -35.99
CA ARG A 170 -8.03 -6.73 -35.61
C ARG A 170 -7.00 -7.49 -36.46
N ALA A 171 -6.08 -8.18 -35.77
CA ALA A 171 -4.98 -8.92 -36.39
C ALA A 171 -5.44 -10.16 -37.17
N PRO A 172 -4.72 -10.54 -38.25
CA PRO A 172 -5.12 -11.70 -39.09
C PRO A 172 -5.18 -13.04 -38.37
N GLU A 173 -4.34 -13.24 -37.35
CA GLU A 173 -4.36 -14.47 -36.53
C GLU A 173 -5.66 -14.62 -35.72
N ILE A 174 -6.28 -13.50 -35.36
CA ILE A 174 -7.60 -13.51 -34.71
C ILE A 174 -8.67 -13.85 -35.75
N LEU A 175 -8.64 -13.14 -36.88
CA LEU A 175 -9.58 -13.37 -37.99
C LEU A 175 -9.57 -14.81 -38.52
N LEU A 176 -8.38 -15.41 -38.61
CA LEU A 176 -8.24 -16.80 -39.09
C LEU A 176 -8.42 -17.84 -37.98
N GLY A 177 -8.71 -17.36 -36.77
CA GLY A 177 -9.11 -18.19 -35.64
C GLY A 177 -8.02 -19.06 -35.02
N CYS A 178 -6.80 -18.51 -34.91
CA CYS A 178 -5.69 -19.19 -34.23
C CYS A 178 -6.07 -19.48 -32.78
N LYS A 179 -5.68 -20.67 -32.32
CA LYS A 179 -5.88 -21.12 -30.94
C LYS A 179 -5.25 -20.14 -29.93
N TYR A 180 -4.06 -19.63 -30.28
CA TYR A 180 -3.31 -18.72 -29.44
C TYR A 180 -3.02 -17.40 -30.15
N TYR A 181 -3.21 -16.31 -29.42
CA TYR A 181 -2.69 -15.01 -29.82
C TYR A 181 -1.97 -14.37 -28.64
N SER A 182 -1.14 -13.37 -28.93
CA SER A 182 -0.35 -12.75 -27.89
C SER A 182 -0.11 -11.26 -28.15
N THR A 183 1.04 -10.75 -27.67
CA THR A 183 1.43 -9.35 -27.73
C THR A 183 1.38 -8.74 -29.14
N ALA A 184 1.63 -9.58 -30.16
CA ALA A 184 1.60 -9.19 -31.56
C ALA A 184 0.28 -8.55 -32.05
N VAL A 185 -0.84 -8.92 -31.41
CA VAL A 185 -2.14 -8.33 -31.79
C VAL A 185 -2.19 -6.81 -31.54
N ASP A 186 -1.61 -6.38 -30.42
CA ASP A 186 -1.49 -4.97 -30.08
C ASP A 186 -0.60 -4.20 -31.06
N ILE A 187 0.49 -4.83 -31.51
CA ILE A 187 1.40 -4.26 -32.52
C ILE A 187 0.68 -4.03 -33.85
N TRP A 188 -0.08 -5.05 -34.31
CA TRP A 188 -0.90 -4.95 -35.51
C TRP A 188 -1.80 -3.71 -35.48
N SER A 189 -2.51 -3.51 -34.36
CA SER A 189 -3.42 -2.36 -34.17
C SER A 189 -2.69 -1.02 -34.28
N LEU A 190 -1.54 -0.91 -33.62
CA LEU A 190 -0.69 0.28 -33.69
C LEU A 190 -0.19 0.57 -35.10
N GLY A 191 0.14 -0.48 -35.85
CA GLY A 191 0.56 -0.38 -37.25
C GLY A 191 -0.53 0.25 -38.09
N CYS A 192 -1.76 -0.23 -37.89
CA CYS A 192 -2.95 0.34 -38.53
C CYS A 192 -3.14 1.81 -38.19
N ILE A 193 -2.91 2.17 -36.92
CA ILE A 193 -3.04 3.55 -36.42
C ILE A 193 -1.93 4.47 -36.97
N PHE A 194 -0.73 3.92 -37.11
CA PHE A 194 0.42 4.60 -37.75
C PHE A 194 0.04 5.05 -39.17
N ALA A 195 -0.43 4.11 -40.00
CA ALA A 195 -0.89 4.40 -41.36
C ALA A 195 -2.01 5.44 -41.36
N GLU A 196 -2.95 5.30 -40.43
CA GLU A 196 -4.09 6.20 -40.28
C GLU A 196 -3.69 7.62 -39.90
N MET A 197 -2.64 7.77 -39.11
CA MET A 197 -2.12 9.12 -38.75
C MET A 197 -1.56 9.86 -39.97
N VAL A 198 -0.93 9.13 -40.89
CA VAL A 198 -0.36 9.71 -42.11
C VAL A 198 -1.43 10.07 -43.16
N THR A 199 -2.32 9.11 -43.46
CA THR A 199 -3.36 9.27 -44.50
C THR A 199 -4.66 9.96 -44.00
N ARG A 200 -4.90 9.90 -42.69
CA ARG A 200 -6.15 10.38 -42.04
C ARG A 200 -7.43 9.62 -42.44
N ARG A 201 -7.25 8.38 -42.88
CA ARG A 201 -8.33 7.43 -43.08
C ARG A 201 -7.85 6.03 -42.65
N ALA A 202 -8.80 5.20 -42.20
CA ALA A 202 -8.49 3.84 -41.74
C ALA A 202 -7.87 3.00 -42.85
N LEU A 203 -6.86 2.21 -42.49
CA LEU A 203 -6.13 1.38 -43.43
C LEU A 203 -6.96 0.21 -43.98
N PHE A 204 -7.68 -0.48 -43.08
CA PHE A 204 -8.50 -1.61 -43.48
C PHE A 204 -9.93 -1.48 -42.91
N PRO A 205 -10.78 -0.65 -43.56
CA PRO A 205 -12.14 -0.44 -43.03
C PRO A 205 -13.20 -1.45 -43.55
N GLY A 206 -13.11 -2.70 -43.10
CA GLY A 206 -14.09 -3.73 -43.46
C GLY A 206 -15.38 -3.62 -42.66
N ASP A 207 -16.46 -4.24 -43.16
CA ASP A 207 -17.73 -4.31 -42.41
C ASP A 207 -18.14 -5.74 -41.99
N SER A 208 -17.33 -6.73 -42.36
CA SER A 208 -17.45 -8.09 -41.84
C SER A 208 -16.06 -8.71 -41.69
N GLU A 209 -16.00 -9.92 -41.12
CA GLU A 209 -14.73 -10.64 -40.95
C GLU A 209 -14.05 -11.01 -42.28
N ILE A 210 -14.83 -11.54 -43.23
CA ILE A 210 -14.32 -11.94 -44.56
C ILE A 210 -13.92 -10.70 -45.39
N ASP A 211 -14.67 -9.61 -45.26
CA ASP A 211 -14.36 -8.35 -45.92
C ASP A 211 -13.03 -7.77 -45.40
N GLN A 212 -12.86 -7.83 -44.08
CA GLN A 212 -11.64 -7.36 -43.39
C GLN A 212 -10.39 -8.11 -43.87
N LEU A 213 -10.46 -9.45 -43.93
CA LEU A 213 -9.37 -10.29 -44.42
C LEU A 213 -8.98 -9.97 -45.86
N PHE A 214 -9.98 -9.86 -46.74
CA PHE A 214 -9.76 -9.61 -48.18
C PHE A 214 -9.14 -8.25 -48.44
N ARG A 215 -9.54 -7.26 -47.65
CA ARG A 215 -8.91 -5.94 -47.65
C ARG A 215 -7.44 -5.99 -47.23
N ILE A 216 -7.13 -6.80 -46.21
CA ILE A 216 -5.75 -7.00 -45.74
C ILE A 216 -4.93 -7.72 -46.82
N PHE A 217 -5.49 -8.78 -47.41
CA PHE A 217 -4.86 -9.54 -48.49
C PHE A 217 -4.53 -8.70 -49.73
N ARG A 218 -5.43 -7.77 -50.11
CA ARG A 218 -5.21 -6.93 -51.30
C ARG A 218 -4.09 -5.90 -51.11
N THR A 219 -3.74 -5.63 -49.86
CA THR A 219 -2.70 -4.67 -49.51
C THR A 219 -1.35 -5.36 -49.28
N LEU A 220 -1.38 -6.52 -48.62
CA LEU A 220 -0.16 -7.18 -48.18
C LEU A 220 0.15 -8.48 -48.93
N GLY A 221 -0.73 -8.84 -49.86
CA GLY A 221 -0.67 -10.13 -50.56
C GLY A 221 -1.37 -11.19 -49.74
N THR A 222 -2.03 -12.13 -50.41
CA THR A 222 -2.59 -13.30 -49.73
C THR A 222 -1.44 -14.13 -49.18
N PRO A 223 -1.47 -14.46 -47.86
CA PRO A 223 -0.35 -15.21 -47.27
C PRO A 223 -0.34 -16.68 -47.65
N ASP A 224 0.87 -17.20 -47.86
CA ASP A 224 1.10 -18.63 -48.11
C ASP A 224 2.00 -19.22 -47.00
N GLU A 225 2.33 -20.51 -47.14
CA GLU A 225 3.22 -21.21 -46.22
C GLU A 225 4.65 -20.65 -46.19
N VAL A 226 5.07 -20.00 -47.26
CA VAL A 226 6.39 -19.36 -47.36
C VAL A 226 6.45 -18.10 -46.49
N VAL A 227 5.47 -17.22 -46.64
CA VAL A 227 5.42 -15.96 -45.89
C VAL A 227 4.97 -16.17 -44.43
N TRP A 228 4.13 -17.19 -44.20
CA TRP A 228 3.55 -17.44 -42.88
C TRP A 228 3.31 -18.96 -42.68
N PRO A 229 4.33 -19.69 -42.18
CA PRO A 229 4.18 -21.15 -42.00
C PRO A 229 3.04 -21.52 -41.05
N GLY A 230 2.20 -22.45 -41.50
CA GLY A 230 1.03 -22.90 -40.74
C GLY A 230 -0.29 -22.21 -41.10
N VAL A 231 -0.24 -21.19 -41.96
CA VAL A 231 -1.44 -20.40 -42.32
C VAL A 231 -2.57 -21.24 -42.94
N THR A 232 -2.21 -22.16 -43.84
CA THR A 232 -3.18 -22.98 -44.58
C THR A 232 -3.89 -24.01 -43.70
N SER A 233 -3.31 -24.28 -42.53
CA SER A 233 -3.87 -25.20 -41.54
C SER A 233 -4.73 -24.52 -40.47
N MET A 234 -4.80 -23.19 -40.49
CA MET A 234 -5.58 -22.40 -39.52
C MET A 234 -7.09 -22.60 -39.73
N PRO A 235 -7.87 -22.66 -38.61
CA PRO A 235 -9.31 -23.04 -38.66
C PRO A 235 -10.17 -22.31 -39.70
N ASP A 236 -9.98 -21.00 -39.85
CA ASP A 236 -10.81 -20.20 -40.75
C ASP A 236 -10.14 -19.80 -42.08
N TYR A 237 -9.00 -20.42 -42.37
CA TYR A 237 -8.40 -20.34 -43.70
C TYR A 237 -9.21 -21.20 -44.67
N LYS A 238 -9.37 -20.69 -45.89
CA LYS A 238 -10.08 -21.39 -46.96
C LYS A 238 -9.17 -21.48 -48.19
N PRO A 239 -9.01 -22.69 -48.77
CA PRO A 239 -8.21 -22.85 -50.00
C PRO A 239 -8.75 -22.01 -51.18
N SER A 240 -10.04 -21.65 -51.12
CA SER A 240 -10.70 -20.85 -52.15
C SER A 240 -10.42 -19.35 -52.08
N PHE A 241 -9.74 -18.90 -51.01
CA PHE A 241 -9.28 -17.50 -50.89
C PHE A 241 -8.60 -17.06 -52.19
N PRO A 242 -8.99 -15.89 -52.73
CA PRO A 242 -8.28 -15.35 -53.91
C PRO A 242 -6.83 -15.05 -53.54
N LYS A 243 -5.92 -15.27 -54.49
CA LYS A 243 -4.49 -15.07 -54.25
C LYS A 243 -4.00 -13.75 -54.86
N TRP A 244 -4.10 -12.67 -54.09
CA TRP A 244 -3.66 -11.34 -54.50
C TRP A 244 -2.15 -11.18 -54.29
N ALA A 245 -1.52 -10.43 -55.19
CA ALA A 245 -0.09 -10.12 -55.08
C ALA A 245 0.12 -8.98 -54.08
N ARG A 246 1.25 -9.05 -53.36
CA ARG A 246 1.67 -7.99 -52.45
C ARG A 246 2.04 -6.75 -53.24
N GLN A 247 1.35 -5.64 -52.97
CA GLN A 247 1.64 -4.39 -53.67
C GLN A 247 2.88 -3.68 -53.09
N ASP A 248 3.54 -2.91 -53.95
CA ASP A 248 4.66 -2.05 -53.58
C ASP A 248 4.28 -1.24 -52.33
N PHE A 249 5.09 -1.40 -51.29
CA PHE A 249 4.79 -0.80 -49.98
C PHE A 249 4.82 0.73 -49.96
N SER A 250 5.52 1.35 -50.91
CA SER A 250 5.48 2.81 -51.10
C SER A 250 4.13 3.35 -51.57
N LYS A 251 3.21 2.46 -51.96
CA LYS A 251 1.87 2.84 -52.44
C LYS A 251 0.81 2.72 -51.35
N VAL A 252 1.10 1.93 -50.33
CA VAL A 252 0.19 1.72 -49.20
C VAL A 252 0.02 3.02 -48.41
N VAL A 253 1.14 3.65 -48.08
CA VAL A 253 1.17 4.97 -47.44
C VAL A 253 2.22 5.85 -48.16
N PRO A 254 1.83 6.47 -49.31
CA PRO A 254 2.72 7.29 -50.15
C PRO A 254 3.58 8.39 -49.48
N PRO A 255 3.06 9.14 -48.46
CA PRO A 255 3.93 10.19 -47.89
C PRO A 255 5.11 9.71 -47.05
N LEU A 256 5.12 8.42 -46.73
CA LEU A 256 6.11 7.85 -45.82
C LEU A 256 7.49 7.65 -46.46
N ASP A 257 8.52 8.09 -45.74
CA ASP A 257 9.93 7.90 -46.09
C ASP A 257 10.37 6.44 -45.95
N GLU A 258 11.59 6.13 -46.39
CA GLU A 258 12.17 4.77 -46.33
C GLU A 258 12.14 4.11 -44.93
N ASP A 259 12.50 4.87 -43.90
CA ASP A 259 12.52 4.38 -42.52
C ASP A 259 11.12 4.08 -42.00
N GLY A 260 10.19 5.01 -42.27
CA GLY A 260 8.76 4.86 -41.95
C GLY A 260 8.15 3.60 -42.52
N ARG A 261 8.36 3.37 -43.81
CA ARG A 261 7.85 2.19 -44.53
C ARG A 261 8.40 0.88 -44.00
N SER A 262 9.69 0.91 -43.65
CA SER A 262 10.39 -0.24 -43.07
C SER A 262 9.75 -0.66 -41.74
N LEU A 263 9.55 0.32 -40.85
CA LEU A 263 8.91 0.10 -39.56
C LEU A 263 7.46 -0.41 -39.69
N LEU A 264 6.70 0.21 -40.59
CA LEU A 264 5.30 -0.18 -40.81
C LEU A 264 5.16 -1.62 -41.30
N SER A 265 6.00 -2.03 -42.26
CA SER A 265 6.01 -3.41 -42.76
C SER A 265 6.27 -4.44 -41.65
N GLN A 266 7.19 -4.11 -40.75
CA GLN A 266 7.53 -4.98 -39.60
C GLN A 266 6.40 -5.05 -38.56
N MET A 267 5.67 -3.95 -38.41
CA MET A 267 4.47 -3.91 -37.56
C MET A 267 3.28 -4.67 -38.17
N LEU A 268 3.26 -4.78 -39.51
CA LEU A 268 2.14 -5.43 -40.23
C LEU A 268 2.53 -6.78 -40.84
N HIS A 269 3.58 -7.39 -40.28
CA HIS A 269 4.02 -8.72 -40.68
C HIS A 269 2.96 -9.76 -40.35
N TYR A 270 2.67 -10.66 -41.30
CA TYR A 270 1.65 -11.69 -41.11
C TYR A 270 1.92 -12.62 -39.94
N ASP A 271 3.12 -13.19 -39.90
CA ASP A 271 3.55 -14.12 -38.86
C ASP A 271 3.74 -13.36 -37.54
N PRO A 272 2.95 -13.70 -36.49
CA PRO A 272 3.07 -13.07 -35.18
C PRO A 272 4.48 -13.15 -34.57
N ASN A 273 5.18 -14.26 -34.79
CA ASN A 273 6.58 -14.43 -34.36
C ASN A 273 7.57 -13.47 -35.03
N LYS A 274 7.34 -13.15 -36.29
CA LYS A 274 8.23 -12.25 -37.04
C LYS A 274 7.87 -10.79 -36.82
N ARG A 275 6.61 -10.52 -36.47
CA ARG A 275 6.12 -9.17 -36.20
C ARG A 275 6.93 -8.55 -35.05
N ILE A 276 7.42 -7.33 -35.30
CA ILE A 276 8.29 -6.60 -34.37
C ILE A 276 7.60 -6.36 -33.01
N SER A 277 8.36 -6.51 -31.93
CA SER A 277 7.87 -6.16 -30.59
C SER A 277 7.93 -4.65 -30.39
N ALA A 278 7.11 -4.14 -29.45
CA ALA A 278 7.11 -2.72 -29.08
C ALA A 278 8.48 -2.26 -28.58
N LYS A 279 9.09 -3.12 -27.75
CA LYS A 279 10.44 -2.91 -27.22
C LYS A 279 11.50 -2.74 -28.32
N ALA A 280 11.56 -3.69 -29.26
CA ALA A 280 12.50 -3.62 -30.41
C ALA A 280 12.22 -2.45 -31.38
N ALA A 281 10.95 -2.07 -31.53
CA ALA A 281 10.54 -0.95 -32.41
C ALA A 281 11.04 0.41 -31.92
N LEU A 282 11.26 0.53 -30.61
CA LEU A 282 11.81 1.76 -30.02
C LEU A 282 13.21 2.13 -30.57
N ALA A 283 13.98 1.13 -30.97
CA ALA A 283 15.35 1.31 -31.50
C ALA A 283 15.42 1.44 -33.03
N HIS A 284 14.27 1.49 -33.69
CA HIS A 284 14.21 1.61 -35.16
C HIS A 284 14.74 2.97 -35.65
N PRO A 285 15.54 2.97 -36.76
CA PRO A 285 16.08 4.20 -37.37
C PRO A 285 15.07 5.33 -37.60
N PHE A 286 13.80 5.00 -37.85
CA PHE A 286 12.70 5.97 -37.92
C PHE A 286 12.68 6.97 -36.77
N PHE A 287 13.10 6.53 -35.58
CA PHE A 287 13.05 7.37 -34.38
C PHE A 287 14.35 8.12 -34.04
N GLN A 288 15.35 8.06 -34.91
CA GLN A 288 16.66 8.72 -34.69
C GLN A 288 16.57 10.21 -34.34
N ASP A 289 15.64 10.91 -34.99
CA ASP A 289 15.48 12.36 -34.83
C ASP A 289 14.17 12.77 -34.13
N VAL A 290 13.63 11.87 -33.29
CA VAL A 290 12.36 12.09 -32.59
C VAL A 290 12.48 13.21 -31.54
N THR A 291 11.49 14.11 -31.53
CA THR A 291 11.31 15.11 -30.49
C THR A 291 9.92 14.95 -29.85
N LYS A 292 9.53 15.88 -28.98
CA LYS A 292 8.19 15.88 -28.39
C LYS A 292 7.51 17.25 -28.59
N PRO A 293 7.01 17.52 -29.82
CA PRO A 293 6.33 18.81 -30.03
C PRO A 293 4.90 18.81 -29.52
N VAL A 294 4.40 20.01 -29.20
CA VAL A 294 2.99 20.21 -28.82
C VAL A 294 2.08 20.01 -30.03
N PRO A 295 0.81 19.57 -29.82
CA PRO A 295 -0.11 19.46 -30.96
C PRO A 295 -0.31 20.82 -31.63
N HIS A 296 -0.26 20.82 -32.96
CA HIS A 296 -0.30 22.05 -33.77
C HIS A 296 -1.64 22.80 -33.72
N LEU A 297 -2.61 22.20 -33.03
CA LEU A 297 -3.95 22.77 -32.88
C LEU A 297 -4.38 22.83 -31.43
N ARG A 298 -5.14 23.88 -31.08
CA ARG A 298 -5.82 24.01 -29.80
C ARG A 298 -6.83 22.88 -29.64
N LEU A 299 -6.84 22.26 -28.46
CA LEU A 299 -7.66 21.07 -28.19
C LEU A 299 -8.90 21.38 -27.35
N VAL B 1 6.27 -15.52 -26.12
CA VAL B 1 6.75 -14.12 -26.42
C VAL B 1 8.16 -13.83 -25.88
N PRO B 2 9.20 -14.43 -26.53
CA PRO B 2 10.60 -14.42 -26.05
C PRO B 2 11.22 -13.05 -25.79
N ASP B 3 10.62 -12.00 -26.37
CA ASP B 3 11.04 -10.61 -26.10
C ASP B 3 10.74 -10.16 -24.68
N TYR B 4 9.73 -10.76 -24.02
CA TYR B 4 9.29 -10.33 -22.70
C TYR B 4 9.37 -11.37 -21.58
N HIS B 5 9.77 -12.60 -21.92
CA HIS B 5 9.84 -13.70 -20.94
CA HIS B 5 9.92 -13.74 -20.97
C HIS B 5 10.68 -13.36 -19.69
N GLU B 6 11.83 -12.71 -19.87
CA GLU B 6 12.66 -12.26 -18.74
C GLU B 6 12.03 -11.12 -17.93
N ASP B 7 11.49 -10.11 -18.63
CA ASP B 7 10.80 -8.99 -17.97
C ASP B 7 9.62 -9.46 -17.13
N ILE B 8 8.81 -10.37 -17.70
CA ILE B 8 7.65 -10.93 -17.02
C ILE B 8 8.05 -11.74 -15.78
N HIS B 9 9.04 -12.62 -15.93
CA HIS B 9 9.57 -13.41 -14.82
C HIS B 9 10.04 -12.52 -13.64
N THR B 10 10.84 -11.51 -13.97
CA THR B 10 11.34 -10.53 -13.00
C THR B 10 10.20 -9.82 -12.28
N TYR B 11 9.19 -9.41 -13.06
CA TYR B 11 8.04 -8.70 -12.52
C TYR B 11 7.21 -9.59 -11.59
N LEU B 12 6.94 -10.82 -12.02
CA LEU B 12 6.22 -11.81 -11.19
C LEU B 12 6.92 -12.12 -9.87
N ARG B 13 8.25 -12.20 -9.90
CA ARG B 13 9.07 -12.36 -8.70
C ARG B 13 8.94 -11.19 -7.71
N GLU B 14 8.81 -9.98 -8.24
CA GLU B 14 8.53 -8.80 -7.42
C GLU B 14 7.11 -8.84 -6.82
N MET B 15 6.12 -9.11 -7.67
CA MET B 15 4.71 -9.09 -7.26
C MET B 15 4.33 -10.20 -6.26
N GLU B 16 4.97 -11.37 -6.35
CA GLU B 16 4.66 -12.48 -5.43
C GLU B 16 5.00 -12.19 -3.96
N VAL B 17 6.03 -11.36 -3.74
CA VAL B 17 6.37 -10.88 -2.41
C VAL B 17 5.27 -9.94 -1.88
N LYS B 18 4.80 -9.04 -2.74
CA LYS B 18 3.75 -8.07 -2.41
C LYS B 18 2.37 -8.70 -2.21
N CYS B 19 2.13 -9.82 -2.90
CA CYS B 19 0.86 -10.56 -2.83
C CYS B 19 0.88 -11.70 -1.81
N LYS B 20 2.01 -11.89 -1.13
CA LYS B 20 2.15 -12.99 -0.17
C LYS B 20 1.24 -12.79 1.05
N PRO B 21 0.44 -13.82 1.41
CA PRO B 21 -0.37 -13.75 2.62
C PRO B 21 0.50 -13.79 3.89
N LYS B 22 -0.10 -13.39 5.02
CA LYS B 22 0.57 -13.45 6.31
CA LYS B 22 0.54 -13.45 6.34
C LYS B 22 0.71 -14.92 6.73
N VAL B 23 1.95 -15.33 7.00
CA VAL B 23 2.32 -16.73 7.28
C VAL B 23 1.60 -17.36 8.48
N GLY B 24 1.57 -16.66 9.61
CA GLY B 24 0.94 -17.21 10.81
C GLY B 24 -0.45 -16.71 11.15
N TYR B 25 -1.29 -16.46 10.12
CA TYR B 25 -2.62 -15.86 10.34
C TYR B 25 -3.62 -16.76 11.06
N MET B 26 -3.44 -18.07 10.96
CA MET B 26 -4.39 -19.03 11.53
C MET B 26 -4.31 -19.07 13.06
N LYS B 27 -3.10 -18.86 13.59
CA LYS B 27 -2.86 -18.63 15.03
C LYS B 27 -3.69 -17.48 15.58
N LYS B 28 -3.99 -16.51 14.71
CA LYS B 28 -4.74 -15.30 15.08
C LYS B 28 -6.24 -15.37 14.79
N GLN B 29 -6.69 -16.44 14.13
CA GLN B 29 -8.12 -16.67 13.88
C GLN B 29 -8.73 -17.49 15.02
N PRO B 30 -9.69 -16.91 15.77
CA PRO B 30 -10.23 -17.58 16.97
C PRO B 30 -11.13 -18.79 16.70
N ASP B 31 -11.85 -18.77 15.57
CA ASP B 31 -12.88 -19.77 15.29
C ASP B 31 -12.58 -20.76 14.16
N ILE B 32 -11.60 -20.45 13.31
CA ILE B 32 -11.21 -21.35 12.20
C ILE B 32 -9.79 -21.91 12.36
N THR B 33 -9.56 -23.06 11.72
CA THR B 33 -8.30 -23.82 11.80
C THR B 33 -7.75 -24.16 10.41
N ASN B 34 -6.49 -24.62 10.36
CA ASN B 34 -5.89 -25.17 9.14
C ASN B 34 -6.71 -26.27 8.51
N SER B 35 -7.27 -27.13 9.35
CA SER B 35 -8.12 -28.25 8.95
C SER B 35 -9.39 -27.80 8.22
N MET B 36 -10.03 -26.75 8.73
CA MET B 36 -11.22 -26.16 8.09
C MET B 36 -10.92 -25.50 6.74
N ARG B 37 -9.73 -24.88 6.64
CA ARG B 37 -9.24 -24.30 5.39
C ARG B 37 -9.03 -25.40 4.33
N ALA B 38 -8.42 -26.51 4.76
CA ALA B 38 -8.19 -27.71 3.94
C ALA B 38 -9.48 -28.27 3.31
N ILE B 39 -10.58 -28.25 4.08
CA ILE B 39 -11.90 -28.67 3.61
C ILE B 39 -12.45 -27.71 2.54
N LEU B 40 -12.33 -26.41 2.79
CA LEU B 40 -12.75 -25.37 1.84
C LEU B 40 -12.02 -25.46 0.50
N VAL B 41 -10.69 -25.54 0.54
CA VAL B 41 -9.86 -25.62 -0.68
C VAL B 41 -10.20 -26.86 -1.51
N ASP B 42 -10.34 -28.01 -0.84
CA ASP B 42 -10.76 -29.27 -1.46
C ASP B 42 -12.14 -29.17 -2.12
N TRP B 43 -13.07 -28.49 -1.43
CA TRP B 43 -14.38 -28.19 -2.01
C TRP B 43 -14.27 -27.31 -3.26
N LEU B 44 -13.35 -26.35 -3.24
CA LEU B 44 -13.12 -25.47 -4.41
C LEU B 44 -12.55 -26.23 -5.61
N VAL B 45 -11.71 -27.23 -5.34
CA VAL B 45 -11.21 -28.17 -6.37
C VAL B 45 -12.39 -28.87 -7.07
N GLU B 46 -13.38 -29.33 -6.30
CA GLU B 46 -14.59 -29.95 -6.84
C GLU B 46 -15.43 -28.98 -7.69
N VAL B 47 -15.63 -27.77 -7.19
CA VAL B 47 -16.35 -26.72 -7.92
C VAL B 47 -15.66 -26.44 -9.27
N GLY B 48 -14.33 -26.30 -9.23
CA GLY B 48 -13.50 -26.17 -10.43
C GLY B 48 -13.66 -27.30 -11.42
N GLU B 49 -13.72 -28.53 -10.90
CA GLU B 49 -13.99 -29.74 -11.71
C GLU B 49 -15.41 -29.80 -12.27
N GLU B 50 -16.37 -29.36 -11.46
CA GLU B 50 -17.79 -29.34 -11.81
C GLU B 50 -18.10 -28.36 -12.94
N TYR B 51 -17.47 -27.17 -12.89
CA TYR B 51 -17.73 -26.13 -13.88
C TYR B 51 -16.64 -26.01 -14.96
N LYS B 52 -15.73 -26.99 -14.97
CA LYS B 52 -14.60 -27.05 -15.93
C LYS B 52 -13.76 -25.77 -15.96
N LEU B 53 -13.45 -25.25 -14.77
CA LEU B 53 -12.68 -24.03 -14.61
C LEU B 53 -11.19 -24.30 -14.80
N GLN B 54 -10.45 -23.25 -15.13
CA GLN B 54 -8.99 -23.34 -15.24
C GLN B 54 -8.36 -23.60 -13.88
N ASN B 55 -7.21 -24.27 -13.89
CA ASN B 55 -6.42 -24.45 -12.68
C ASN B 55 -5.90 -23.12 -12.13
N GLU B 56 -5.60 -22.18 -13.04
CA GLU B 56 -5.23 -20.81 -12.69
C GLU B 56 -6.28 -20.10 -11.79
N THR B 57 -7.55 -20.22 -12.17
CA THR B 57 -8.69 -19.70 -11.42
C THR B 57 -8.73 -20.21 -9.97
N LEU B 58 -8.52 -21.52 -9.79
CA LEU B 58 -8.44 -22.15 -8.48
C LEU B 58 -7.29 -21.58 -7.64
N HIS B 59 -6.09 -21.52 -8.24
CA HIS B 59 -4.92 -20.91 -7.58
C HIS B 59 -5.14 -19.44 -7.19
N LEU B 60 -5.81 -18.67 -8.05
CA LEU B 60 -6.14 -17.28 -7.76
C LEU B 60 -7.07 -17.13 -6.55
N ALA B 61 -8.14 -17.93 -6.53
CA ALA B 61 -9.15 -17.89 -5.48
C ALA B 61 -8.56 -18.15 -4.09
N VAL B 62 -7.69 -19.18 -4.00
CA VAL B 62 -6.98 -19.56 -2.77
C VAL B 62 -6.11 -18.42 -2.24
N ASN B 63 -5.38 -17.76 -3.15
CA ASN B 63 -4.63 -16.53 -2.84
C ASN B 63 -5.53 -15.42 -2.26
N TYR B 64 -6.72 -15.24 -2.85
CA TYR B 64 -7.66 -14.22 -2.37
C TYR B 64 -8.16 -14.52 -0.96
N ILE B 65 -8.46 -15.81 -0.71
CA ILE B 65 -8.92 -16.30 0.60
C ILE B 65 -7.87 -16.06 1.68
N ASP B 66 -6.64 -16.53 1.41
CA ASP B 66 -5.52 -16.40 2.36
C ASP B 66 -5.18 -14.94 2.70
N ARG B 67 -5.22 -14.06 1.69
CA ARG B 67 -5.00 -12.62 1.89
C ARG B 67 -6.13 -11.97 2.67
N PHE B 68 -7.38 -12.38 2.38
CA PHE B 68 -8.56 -11.90 3.11
C PHE B 68 -8.49 -12.27 4.61
N LEU B 69 -8.22 -13.54 4.88
CA LEU B 69 -8.14 -14.06 6.25
C LEU B 69 -6.88 -13.64 7.00
N SER B 70 -5.94 -13.02 6.28
CA SER B 70 -4.75 -12.41 6.89
C SER B 70 -5.07 -11.17 7.72
N SER B 71 -6.21 -10.53 7.43
CA SER B 71 -6.63 -9.32 8.16
C SER B 71 -8.07 -9.40 8.73
N MET B 72 -8.90 -10.30 8.20
CA MET B 72 -10.30 -10.40 8.63
C MET B 72 -10.60 -11.69 9.38
N SER B 73 -11.01 -11.55 10.64
CA SER B 73 -11.52 -12.66 11.45
C SER B 73 -12.87 -13.10 10.93
N VAL B 74 -13.03 -14.40 10.72
CA VAL B 74 -14.25 -14.99 10.15
C VAL B 74 -14.68 -16.22 10.97
N LEU B 75 -15.97 -16.29 11.31
CA LEU B 75 -16.54 -17.46 11.98
C LEU B 75 -16.70 -18.63 11.01
N ARG B 76 -16.65 -19.85 11.56
CA ARG B 76 -16.71 -21.10 10.74
C ARG B 76 -17.89 -21.17 9.78
N GLY B 77 -19.06 -20.69 10.20
CA GLY B 77 -20.27 -20.66 9.38
C GLY B 77 -20.23 -19.70 8.21
N LYS B 78 -19.24 -18.81 8.20
CA LYS B 78 -19.09 -17.81 7.14
C LYS B 78 -17.89 -18.04 6.22
N LEU B 79 -17.07 -19.05 6.53
CA LEU B 79 -15.85 -19.37 5.76
C LEU B 79 -16.17 -19.76 4.31
N GLN B 80 -17.23 -20.55 4.13
CA GLN B 80 -17.68 -20.96 2.80
C GLN B 80 -18.18 -19.78 1.96
N LEU B 81 -18.71 -18.75 2.62
CA LEU B 81 -19.16 -17.53 1.94
C LEU B 81 -17.99 -16.71 1.38
N VAL B 82 -16.90 -16.63 2.15
CA VAL B 82 -15.65 -16.01 1.71
C VAL B 82 -15.09 -16.76 0.49
N GLY B 83 -15.05 -18.09 0.59
CA GLY B 83 -14.57 -18.97 -0.48
C GLY B 83 -15.35 -18.84 -1.78
N THR B 84 -16.67 -18.73 -1.66
CA THR B 84 -17.57 -18.59 -2.82
C THR B 84 -17.36 -17.27 -3.55
N ALA B 85 -17.31 -16.16 -2.81
CA ALA B 85 -17.04 -14.83 -3.38
C ALA B 85 -15.64 -14.74 -4.01
N ALA B 86 -14.67 -15.40 -3.37
CA ALA B 86 -13.30 -15.46 -3.88
C ALA B 86 -13.23 -16.19 -5.22
N MET B 87 -13.89 -17.35 -5.29
CA MET B 87 -13.97 -18.16 -6.51
C MET B 87 -14.73 -17.45 -7.63
N LEU B 88 -15.78 -16.73 -7.26
CA LEU B 88 -16.55 -15.87 -8.19
C LEU B 88 -15.68 -14.73 -8.77
N LEU B 89 -14.93 -14.06 -7.90
CA LEU B 89 -13.98 -13.03 -8.31
C LEU B 89 -12.86 -13.57 -9.22
N ALA B 90 -12.31 -14.73 -8.85
CA ALA B 90 -11.28 -15.40 -9.66
C ALA B 90 -11.81 -15.77 -11.05
N SER B 91 -13.04 -16.29 -11.12
CA SER B 91 -13.72 -16.63 -12.38
C SER B 91 -13.90 -15.40 -13.28
N LYS B 92 -14.36 -14.30 -12.68
CA LYS B 92 -14.50 -13.02 -13.40
C LYS B 92 -13.15 -12.51 -13.92
N PHE B 93 -12.08 -12.70 -13.14
CA PHE B 93 -10.74 -12.28 -13.56
C PHE B 93 -10.17 -13.16 -14.70
N GLU B 94 -10.29 -14.47 -14.57
CA GLU B 94 -9.50 -15.43 -15.35
C GLU B 94 -10.21 -16.17 -16.50
N GLU B 95 -11.51 -16.41 -16.36
CA GLU B 95 -12.28 -17.27 -17.29
C GLU B 95 -12.86 -16.49 -18.48
N ILE B 96 -12.89 -17.14 -19.64
CA ILE B 96 -13.58 -16.60 -20.83
C ILE B 96 -15.11 -16.55 -20.55
N TYR B 97 -15.66 -17.66 -20.05
CA TYR B 97 -17.07 -17.70 -19.64
C TYR B 97 -17.19 -18.07 -18.16
N PRO B 98 -17.19 -17.04 -17.27
CA PRO B 98 -17.36 -17.35 -15.85
C PRO B 98 -18.78 -17.86 -15.57
N PRO B 99 -18.96 -18.80 -14.62
CA PRO B 99 -20.31 -19.18 -14.23
C PRO B 99 -21.02 -17.99 -13.60
N GLU B 100 -22.32 -17.85 -13.86
CA GLU B 100 -23.13 -16.75 -13.35
C GLU B 100 -23.34 -16.86 -11.84
N VAL B 101 -23.70 -15.75 -11.21
CA VAL B 101 -23.87 -15.66 -9.73
C VAL B 101 -24.81 -16.74 -9.17
N ALA B 102 -25.93 -16.96 -9.86
CA ALA B 102 -26.92 -17.99 -9.50
C ALA B 102 -26.31 -19.38 -9.34
N GLU B 103 -25.40 -19.73 -10.25
CA GLU B 103 -24.69 -21.01 -10.21
C GLU B 103 -23.80 -21.15 -8.97
N PHE B 104 -23.16 -20.05 -8.56
CA PHE B 104 -22.35 -20.01 -7.33
C PHE B 104 -23.18 -20.12 -6.05
N VAL B 105 -24.41 -19.58 -6.10
CA VAL B 105 -25.39 -19.74 -5.01
C VAL B 105 -25.85 -21.21 -4.90
N TYR B 106 -26.10 -21.85 -6.05
CA TYR B 106 -26.54 -23.25 -6.09
C TYR B 106 -25.56 -24.23 -5.42
N ILE B 107 -24.27 -24.10 -5.72
CA ILE B 107 -23.25 -25.02 -5.19
C ILE B 107 -22.89 -24.83 -3.70
N THR B 108 -23.34 -23.72 -3.10
CA THR B 108 -23.27 -23.53 -1.63
C THR B 108 -24.32 -24.35 -0.88
N ASP B 109 -25.16 -25.08 -1.64
CA ASP B 109 -26.25 -25.94 -1.12
C ASP B 109 -27.33 -25.12 -0.38
N ASP B 110 -27.61 -23.94 -0.93
CA ASP B 110 -28.54 -22.93 -0.37
C ASP B 110 -28.23 -22.40 1.04
N THR B 111 -26.97 -22.53 1.47
CA THR B 111 -26.50 -22.00 2.75
C THR B 111 -26.61 -20.46 2.79
N TYR B 112 -26.34 -19.83 1.63
CA TYR B 112 -26.35 -18.37 1.50
C TYR B 112 -27.27 -17.87 0.39
N THR B 113 -27.70 -16.62 0.50
CA THR B 113 -28.50 -15.96 -0.53
C THR B 113 -27.62 -15.27 -1.58
N LYS B 114 -28.23 -14.92 -2.72
CA LYS B 114 -27.59 -14.15 -3.79
C LYS B 114 -27.05 -12.79 -3.29
N LYS B 115 -27.84 -12.13 -2.44
CA LYS B 115 -27.49 -10.88 -1.78
C LYS B 115 -26.22 -11.00 -0.94
N GLN B 116 -26.10 -12.08 -0.17
CA GLN B 116 -24.95 -12.36 0.70
C GLN B 116 -23.65 -12.58 -0.08
N VAL B 117 -23.73 -13.32 -1.20
CA VAL B 117 -22.59 -13.61 -2.07
C VAL B 117 -22.08 -12.31 -2.74
N LEU B 118 -23.02 -11.49 -3.21
CA LEU B 118 -22.73 -10.19 -3.82
C LEU B 118 -22.14 -9.18 -2.85
N ARG B 119 -22.66 -9.14 -1.63
CA ARG B 119 -22.14 -8.29 -0.56
C ARG B 119 -20.74 -8.69 -0.10
N MET B 120 -20.49 -10.01 -0.07
CA MET B 120 -19.17 -10.56 0.25
C MET B 120 -18.16 -10.28 -0.87
N GLU B 121 -18.59 -10.39 -2.13
CA GLU B 121 -17.75 -10.04 -3.30
C GLU B 121 -17.17 -8.63 -3.15
N HIS B 122 -18.08 -7.68 -2.92
CA HIS B 122 -17.79 -6.28 -2.70
C HIS B 122 -16.83 -6.04 -1.52
N LEU B 123 -17.01 -6.80 -0.43
CA LEU B 123 -16.15 -6.71 0.75
C LEU B 123 -14.73 -7.25 0.50
N VAL B 124 -14.64 -8.40 -0.17
CA VAL B 124 -13.34 -9.01 -0.55
C VAL B 124 -12.54 -8.04 -1.43
N LEU B 125 -13.21 -7.40 -2.38
CA LEU B 125 -12.60 -6.35 -3.21
C LEU B 125 -12.03 -5.18 -2.40
N LYS B 126 -12.81 -4.68 -1.44
CA LYS B 126 -12.38 -3.61 -0.53
C LYS B 126 -11.14 -4.00 0.28
N VAL B 127 -11.15 -5.22 0.82
CA VAL B 127 -10.06 -5.72 1.67
C VAL B 127 -8.78 -5.95 0.85
N LEU B 128 -8.93 -6.48 -0.36
CA LEU B 128 -7.80 -6.69 -1.26
C LEU B 128 -7.45 -5.45 -2.08
N THR B 129 -8.21 -4.36 -1.85
CA THR B 129 -8.11 -3.08 -2.61
C THR B 129 -8.01 -3.31 -4.12
N PHE B 130 -8.88 -4.22 -4.61
CA PHE B 130 -8.99 -4.58 -6.03
C PHE B 130 -7.70 -5.13 -6.66
N ASP B 131 -6.74 -5.55 -5.83
CA ASP B 131 -5.47 -6.09 -6.31
C ASP B 131 -5.56 -7.60 -6.52
N LEU B 132 -6.00 -7.98 -7.71
CA LEU B 132 -6.33 -9.38 -8.02
C LEU B 132 -5.35 -10.11 -8.95
N ALA B 133 -4.50 -9.37 -9.65
CA ALA B 133 -3.53 -9.97 -10.58
C ALA B 133 -2.29 -10.51 -9.86
N ALA B 134 -2.50 -11.52 -9.00
CA ALA B 134 -1.44 -12.11 -8.21
C ALA B 134 -0.74 -13.28 -8.93
N PRO B 135 0.60 -13.39 -8.78
CA PRO B 135 1.32 -14.55 -9.31
C PRO B 135 0.93 -15.82 -8.55
N THR B 136 0.89 -16.95 -9.26
CA THR B 136 0.48 -18.24 -8.70
C THR B 136 1.58 -19.27 -8.92
N VAL B 137 1.48 -20.43 -8.26
CA VAL B 137 2.35 -21.58 -8.52
C VAL B 137 2.29 -21.95 -10.00
N ASN B 138 1.07 -22.01 -10.53
CA ASN B 138 0.77 -22.28 -11.92
C ASN B 138 1.52 -21.38 -12.91
N GLN B 139 1.48 -20.06 -12.70
CA GLN B 139 2.17 -19.08 -13.57
C GLN B 139 3.68 -19.27 -13.65
N PHE B 140 4.29 -19.71 -12.54
CA PHE B 140 5.71 -20.05 -12.55
C PHE B 140 5.99 -21.39 -13.24
N LEU B 141 5.18 -22.39 -12.95
CA LEU B 141 5.31 -23.72 -13.56
C LEU B 141 5.35 -23.72 -15.10
N THR B 142 4.43 -22.99 -15.74
CA THR B 142 4.35 -22.95 -17.21
C THR B 142 5.61 -22.35 -17.85
N GLN B 143 6.23 -21.38 -17.18
CA GLN B 143 7.53 -20.83 -17.57
C GLN B 143 8.64 -21.87 -17.42
N TYR B 144 8.63 -22.59 -16.29
CA TYR B 144 9.61 -23.64 -16.00
C TYR B 144 9.51 -24.81 -17.00
N PHE B 145 8.28 -25.10 -17.46
CA PHE B 145 8.03 -26.18 -18.43
C PHE B 145 8.75 -25.97 -19.77
N LEU B 146 8.98 -24.70 -20.13
CA LEU B 146 9.69 -24.33 -21.35
C LEU B 146 11.18 -24.74 -21.38
N HIS B 147 11.71 -25.19 -20.24
CA HIS B 147 13.11 -25.61 -20.10
C HIS B 147 13.28 -27.13 -20.14
N GLN B 148 12.24 -27.85 -20.59
CA GLN B 148 12.30 -29.30 -20.76
C GLN B 148 13.01 -29.68 -22.07
N GLN B 149 13.87 -30.69 -21.99
CA GLN B 149 14.52 -31.26 -23.18
C GLN B 149 14.34 -32.80 -23.28
N PRO B 150 13.32 -33.26 -24.02
CA PRO B 150 12.29 -32.39 -24.62
C PRO B 150 11.06 -32.28 -23.69
N ALA B 151 9.97 -31.71 -24.20
CA ALA B 151 8.72 -31.57 -23.44
C ALA B 151 8.08 -32.93 -23.11
N ASN B 152 7.74 -33.12 -21.83
CA ASN B 152 7.13 -34.37 -21.34
C ASN B 152 5.81 -34.07 -20.63
N CYS B 153 4.72 -34.61 -21.18
CA CYS B 153 3.37 -34.35 -20.68
C CYS B 153 3.10 -34.91 -19.28
N LYS B 154 3.70 -36.05 -18.97
CA LYS B 154 3.62 -36.65 -17.64
C LYS B 154 4.28 -35.76 -16.59
N VAL B 155 5.45 -35.22 -16.94
CA VAL B 155 6.19 -34.26 -16.09
C VAL B 155 5.32 -33.02 -15.80
N GLU B 156 4.72 -32.47 -16.86
CA GLU B 156 3.87 -31.28 -16.76
C GLU B 156 2.68 -31.49 -15.83
N SER B 157 1.92 -32.56 -16.08
CA SER B 157 0.73 -32.87 -15.28
C SER B 157 1.03 -33.24 -13.82
N LEU B 158 2.15 -33.93 -13.59
CA LEU B 158 2.57 -34.30 -12.23
C LEU B 158 3.03 -33.08 -11.41
N ALA B 159 3.68 -32.12 -12.08
CA ALA B 159 4.08 -30.86 -11.44
C ALA B 159 2.86 -30.02 -11.05
N MET B 160 1.87 -29.97 -11.94
N MET B 160 1.88 -29.95 -11.95
CA MET B 160 0.60 -29.30 -11.69
CA MET B 160 0.58 -29.31 -11.70
C MET B 160 -0.16 -29.94 -10.52
C MET B 160 -0.15 -29.94 -10.53
N PHE B 161 -0.13 -31.27 -10.47
CA PHE B 161 -0.76 -32.08 -9.40
C PHE B 161 -0.13 -31.78 -8.03
N LEU B 162 1.19 -31.79 -7.97
CA LEU B 162 1.93 -31.52 -6.74
C LEU B 162 1.77 -30.09 -6.22
N GLY B 163 1.78 -29.12 -7.14
CA GLY B 163 1.56 -27.70 -6.82
C GLY B 163 0.16 -27.48 -6.28
N GLU B 164 -0.81 -28.20 -6.84
CA GLU B 164 -2.19 -28.15 -6.38
C GLU B 164 -2.35 -28.70 -4.95
N LEU B 165 -1.64 -29.78 -4.63
CA LEU B 165 -1.66 -30.37 -3.29
C LEU B 165 -1.18 -29.40 -2.20
N SER B 166 -0.18 -28.58 -2.54
CA SER B 166 0.35 -27.55 -1.63
C SER B 166 -0.71 -26.51 -1.19
N LEU B 167 -1.72 -26.29 -2.03
CA LEU B 167 -2.80 -25.35 -1.72
C LEU B 167 -3.65 -25.78 -0.52
N ILE B 168 -3.81 -27.10 -0.35
CA ILE B 168 -4.64 -27.70 0.70
C ILE B 168 -4.13 -27.40 2.12
N ASP B 169 -2.81 -27.48 2.32
CA ASP B 169 -2.21 -27.44 3.66
C ASP B 169 -1.48 -26.13 3.96
N ALA B 170 -2.13 -25.26 4.75
CA ALA B 170 -1.57 -23.97 5.17
C ALA B 170 -0.23 -24.13 5.92
N ASP B 171 -0.18 -25.13 6.81
CA ASP B 171 1.06 -25.62 7.41
C ASP B 171 1.49 -26.85 6.57
N PRO B 172 2.62 -26.77 5.87
CA PRO B 172 3.59 -25.68 5.96
C PRO B 172 3.65 -24.69 4.76
N TYR B 173 2.78 -24.83 3.78
CA TYR B 173 3.00 -24.18 2.48
C TYR B 173 2.80 -22.65 2.40
N LEU B 174 2.08 -22.09 3.38
CA LEU B 174 1.96 -20.63 3.52
C LEU B 174 3.28 -19.88 3.67
N LYS B 175 4.32 -20.56 4.16
CA LYS B 175 5.64 -19.94 4.34
C LYS B 175 6.51 -19.96 3.08
N TYR B 176 6.08 -20.66 2.04
CA TYR B 176 6.82 -20.71 0.77
C TYR B 176 6.18 -19.86 -0.32
N LEU B 177 7.02 -19.14 -1.06
CA LEU B 177 6.55 -18.33 -2.19
C LEU B 177 6.19 -19.20 -3.40
N PRO B 178 5.18 -18.79 -4.20
CA PRO B 178 4.77 -19.53 -5.40
C PRO B 178 5.89 -20.03 -6.32
N SER B 179 6.95 -19.23 -6.49
CA SER B 179 8.06 -19.58 -7.37
C SER B 179 8.92 -20.72 -6.81
N VAL B 180 9.02 -20.76 -5.49
CA VAL B 180 9.76 -21.80 -4.76
C VAL B 180 9.00 -23.14 -4.82
N ILE B 181 7.70 -23.11 -4.52
CA ILE B 181 6.82 -24.29 -4.60
C ILE B 181 6.80 -24.86 -6.01
N ALA B 182 6.68 -23.99 -7.01
CA ALA B 182 6.77 -24.37 -8.42
C ALA B 182 8.11 -25.04 -8.74
N GLY B 183 9.20 -24.53 -8.14
CA GLY B 183 10.53 -25.13 -8.24
C GLY B 183 10.58 -26.54 -7.67
N ALA B 184 10.13 -26.68 -6.42
CA ALA B 184 10.04 -27.99 -5.75
C ALA B 184 9.20 -28.99 -6.55
N ALA B 185 8.03 -28.54 -7.01
CA ALA B 185 7.09 -29.36 -7.78
C ALA B 185 7.65 -29.79 -9.13
N PHE B 186 8.31 -28.87 -9.83
CA PHE B 186 8.92 -29.20 -11.13
C PHE B 186 10.03 -30.24 -11.00
N HIS B 187 10.96 -30.04 -10.07
CA HIS B 187 12.04 -31.02 -9.81
C HIS B 187 11.49 -32.39 -9.41
N LEU B 188 10.52 -32.41 -8.49
CA LEU B 188 9.92 -33.64 -7.99
C LEU B 188 9.20 -34.42 -9.10
N ALA B 189 8.48 -33.72 -9.97
CA ALA B 189 7.82 -34.34 -11.12
C ALA B 189 8.82 -34.90 -12.12
N LEU B 190 9.85 -34.11 -12.43
CA LEU B 190 10.90 -34.45 -13.38
C LEU B 190 11.73 -35.64 -12.92
N TYR B 191 11.99 -35.70 -11.61
CA TYR B 191 12.72 -36.81 -11.00
C TYR B 191 11.90 -38.12 -10.97
N THR B 192 10.63 -38.03 -10.57
CA THR B 192 9.71 -39.17 -10.53
C THR B 192 9.55 -39.85 -11.91
N VAL B 193 9.39 -39.05 -12.95
CA VAL B 193 9.11 -39.56 -14.30
C VAL B 193 10.39 -40.00 -15.03
N THR B 194 11.39 -39.13 -15.07
CA THR B 194 12.56 -39.32 -15.95
C THR B 194 13.88 -39.64 -15.22
N GLY B 195 13.95 -39.36 -13.93
CA GLY B 195 15.21 -39.45 -13.17
C GLY B 195 16.07 -38.19 -13.22
N GLN B 196 15.70 -37.23 -14.07
CA GLN B 196 16.45 -35.97 -14.24
C GLN B 196 16.26 -35.01 -13.05
N SER B 197 17.11 -33.99 -12.99
CA SER B 197 17.10 -32.99 -11.93
C SER B 197 16.79 -31.58 -12.46
N TRP B 198 16.45 -30.70 -11.51
CA TRP B 198 16.34 -29.24 -11.70
C TRP B 198 17.47 -28.74 -12.61
N PRO B 199 17.14 -28.36 -13.87
CA PRO B 199 18.15 -28.12 -14.90
C PRO B 199 19.00 -26.87 -14.69
N GLU B 200 20.20 -26.89 -15.29
CA GLU B 200 21.17 -25.79 -15.23
C GLU B 200 20.59 -24.43 -15.69
N SER B 201 19.78 -24.47 -16.76
CA SER B 201 19.17 -23.25 -17.31
C SER B 201 18.18 -22.56 -16.35
N LEU B 202 17.49 -23.35 -15.51
CA LEU B 202 16.60 -22.76 -14.49
C LEU B 202 17.34 -22.17 -13.29
N ILE B 203 18.54 -22.69 -13.00
CA ILE B 203 19.44 -22.07 -12.01
C ILE B 203 19.79 -20.65 -12.47
N ARG B 204 20.15 -20.50 -13.74
CA ARG B 204 20.47 -19.20 -14.34
C ARG B 204 19.25 -18.27 -14.35
N LYS B 205 18.08 -18.82 -14.69
CA LYS B 205 16.84 -18.05 -14.77
C LYS B 205 16.35 -17.56 -13.41
N THR B 206 16.29 -18.46 -12.43
CA THR B 206 15.60 -18.23 -11.15
C THR B 206 16.52 -17.86 -9.99
N GLY B 207 17.78 -18.26 -10.08
CA GLY B 207 18.74 -18.11 -8.98
C GLY B 207 18.64 -19.21 -7.93
N TYR B 208 17.67 -20.11 -8.10
CA TYR B 208 17.46 -21.23 -7.17
C TYR B 208 18.27 -22.45 -7.55
N THR B 209 18.81 -23.11 -6.51
CA THR B 209 19.51 -24.40 -6.64
C THR B 209 18.70 -25.48 -5.90
N LEU B 210 19.13 -26.74 -5.99
CA LEU B 210 18.57 -27.82 -5.17
C LEU B 210 18.75 -27.55 -3.67
N GLU B 211 19.87 -26.94 -3.32
CA GLU B 211 20.15 -26.50 -1.95
C GLU B 211 19.09 -25.51 -1.42
N SER B 212 18.76 -24.48 -2.20
CA SER B 212 17.79 -23.46 -1.77
C SER B 212 16.34 -23.97 -1.83
N LEU B 213 16.06 -24.91 -2.74
CA LEU B 213 14.75 -25.54 -2.84
C LEU B 213 14.51 -26.67 -1.82
N LYS B 214 15.59 -27.18 -1.24
CA LYS B 214 15.57 -28.36 -0.33
C LYS B 214 14.47 -28.38 0.76
N PRO B 215 14.31 -27.30 1.57
CA PRO B 215 13.27 -27.34 2.62
C PRO B 215 11.83 -27.54 2.12
N CYS B 216 11.45 -26.82 1.06
CA CYS B 216 10.12 -26.96 0.43
C CYS B 216 9.97 -28.33 -0.22
N LEU B 217 11.03 -28.74 -0.93
CA LEU B 217 11.12 -30.04 -1.59
C LEU B 217 11.03 -31.23 -0.62
N MET B 218 11.52 -31.03 0.61
CA MET B 218 11.47 -32.02 1.66
C MET B 218 10.04 -32.20 2.18
N ASP B 219 9.33 -31.08 2.37
CA ASP B 219 7.91 -31.11 2.74
C ASP B 219 7.04 -31.71 1.64
N LEU B 220 7.29 -31.29 0.39
CA LEU B 220 6.48 -31.72 -0.76
C LEU B 220 6.62 -33.21 -1.08
N HIS B 221 7.83 -33.74 -0.86
CA HIS B 221 8.09 -35.18 -0.92
C HIS B 221 7.23 -35.95 0.09
N GLN B 222 7.14 -35.41 1.31
CA GLN B 222 6.33 -36.00 2.38
C GLN B 222 4.82 -35.92 2.12
N THR B 223 4.37 -34.83 1.50
CA THR B 223 2.96 -34.66 1.12
C THR B 223 2.59 -35.66 0.00
N TYR B 224 3.52 -35.82 -0.95
CA TYR B 224 3.38 -36.77 -2.05
C TYR B 224 3.25 -38.22 -1.56
N LEU B 225 4.20 -38.67 -0.73
CA LEU B 225 4.17 -40.02 -0.13
C LEU B 225 2.89 -40.29 0.66
N LYS B 226 2.44 -39.30 1.44
CA LYS B 226 1.27 -39.43 2.33
C LYS B 226 -0.06 -39.05 1.69
N ALA B 227 -0.03 -38.71 0.41
CA ALA B 227 -1.23 -38.25 -0.34
C ALA B 227 -2.43 -39.20 -0.33
N PRO B 228 -2.21 -40.54 -0.51
CA PRO B 228 -3.39 -41.45 -0.47
C PRO B 228 -4.11 -41.53 0.89
N GLN B 229 -3.42 -41.17 1.97
CA GLN B 229 -3.99 -41.23 3.34
C GLN B 229 -4.62 -39.92 3.82
N HIS B 230 -4.32 -38.80 3.13
CA HIS B 230 -4.83 -37.46 3.46
C HIS B 230 -6.35 -37.43 3.49
N ALA B 231 -6.91 -36.71 4.46
CA ALA B 231 -8.36 -36.54 4.61
C ALA B 231 -9.06 -35.98 3.36
N GLN B 232 -8.36 -35.08 2.68
CA GLN B 232 -8.86 -34.43 1.46
C GLN B 232 -8.34 -35.16 0.21
N GLN B 233 -9.26 -35.52 -0.68
CA GLN B 233 -8.98 -36.48 -1.78
C GLN B 233 -9.35 -36.00 -3.19
N SER B 234 -9.96 -34.82 -3.30
CA SER B 234 -10.44 -34.32 -4.60
C SER B 234 -9.36 -34.09 -5.67
N ILE B 235 -8.16 -33.65 -5.27
CA ILE B 235 -7.04 -33.44 -6.21
C ILE B 235 -6.55 -34.77 -6.80
N ARG B 236 -6.37 -35.78 -5.92
CA ARG B 236 -6.03 -37.14 -6.35
C ARG B 236 -7.06 -37.74 -7.31
N GLU B 237 -8.35 -37.54 -7.01
CA GLU B 237 -9.44 -37.97 -7.89
C GLU B 237 -9.42 -37.24 -9.22
N LYS B 238 -9.25 -35.90 -9.17
CA LYS B 238 -9.16 -35.04 -10.35
C LYS B 238 -8.03 -35.48 -11.30
N TYR B 239 -6.86 -35.75 -10.74
CA TYR B 239 -5.67 -36.09 -11.53
C TYR B 239 -5.56 -37.59 -11.93
N LYS B 240 -6.62 -38.36 -11.66
CA LYS B 240 -6.79 -39.71 -12.21
C LYS B 240 -7.22 -39.65 -13.67
N ASN B 241 -7.93 -38.59 -14.04
CA ASN B 241 -8.47 -38.36 -15.38
C ASN B 241 -7.37 -38.30 -16.45
N SER B 242 -7.70 -38.77 -17.65
CA SER B 242 -6.78 -38.80 -18.79
C SER B 242 -6.37 -37.41 -19.30
N LYS B 243 -7.21 -36.42 -18.98
CA LYS B 243 -6.93 -35.00 -19.22
C LYS B 243 -5.59 -34.58 -18.60
N TYR B 244 -5.27 -35.18 -17.45
CA TYR B 244 -3.99 -34.95 -16.76
C TYR B 244 -3.11 -36.20 -16.75
N HIS B 245 -3.28 -37.04 -17.77
CA HIS B 245 -2.44 -38.23 -18.03
C HIS B 245 -2.39 -39.24 -16.88
N GLY B 246 -3.45 -39.28 -16.08
CA GLY B 246 -3.58 -40.16 -14.90
C GLY B 246 -2.41 -40.14 -13.92
N VAL B 247 -1.77 -38.98 -13.79
CA VAL B 247 -0.50 -38.86 -13.06
C VAL B 247 -0.57 -39.16 -11.56
N SER B 248 -1.75 -39.01 -10.96
CA SER B 248 -1.93 -39.31 -9.54
C SER B 248 -1.80 -40.81 -9.23
N LEU B 249 -1.88 -41.63 -10.28
CA LEU B 249 -1.71 -43.07 -10.16
C LEU B 249 -0.25 -43.53 -10.21
N LEU B 250 0.66 -42.61 -10.56
CA LEU B 250 2.11 -42.85 -10.53
C LEU B 250 2.62 -43.06 -9.10
N ASN B 251 3.71 -43.82 -8.99
CA ASN B 251 4.34 -44.09 -7.70
C ASN B 251 5.34 -43.01 -7.32
N PRO B 252 5.15 -42.38 -6.14
CA PRO B 252 6.17 -41.47 -5.62
C PRO B 252 7.48 -42.21 -5.35
N PRO B 253 8.64 -41.55 -5.56
CA PRO B 253 9.92 -42.19 -5.21
C PRO B 253 10.06 -42.29 -3.69
N GLU B 254 10.84 -43.28 -3.22
CA GLU B 254 11.05 -43.46 -1.78
C GLU B 254 12.09 -42.49 -1.22
N THR B 255 13.11 -42.19 -2.01
CA THR B 255 14.17 -41.24 -1.63
C THR B 255 14.42 -40.24 -2.77
N LEU B 256 14.83 -39.03 -2.39
CA LEU B 256 15.18 -37.99 -3.36
C LEU B 256 16.68 -37.94 -3.66
N ASN B 257 17.49 -38.39 -2.69
CA ASN B 257 18.96 -38.39 -2.74
C ASN B 257 19.54 -36.98 -2.92
N LEU B 258 19.32 -36.14 -1.90
CA LEU B 258 19.92 -34.80 -1.85
C LEU B 258 21.16 -34.78 -0.97
N SER C 1 -21.46 2.36 4.11
CA SER C 1 -20.16 2.40 4.87
C SER C 1 -20.25 1.59 6.16
N MET C 2 -21.28 1.87 6.96
CA MET C 2 -21.57 1.12 8.19
C MET C 2 -22.61 0.02 7.94
N GLU C 3 -22.94 -0.14 6.67
CA GLU C 3 -23.93 -1.09 6.15
C GLU C 3 -23.71 -2.53 6.63
N ASN C 4 -22.46 -2.96 6.74
CA ASN C 4 -22.10 -4.31 7.19
C ASN C 4 -22.13 -4.50 8.71
N PHE C 5 -22.10 -3.39 9.47
CA PHE C 5 -22.08 -3.44 10.93
C PHE C 5 -23.46 -3.26 11.58
N GLN C 6 -23.78 -4.20 12.46
CA GLN C 6 -25.00 -4.15 13.26
C GLN C 6 -24.63 -3.89 14.72
N LYS C 7 -25.11 -2.77 15.25
CA LYS C 7 -24.88 -2.39 16.65
C LYS C 7 -25.62 -3.32 17.61
N VAL C 8 -24.95 -3.69 18.69
CA VAL C 8 -25.53 -4.54 19.74
C VAL C 8 -25.90 -3.69 20.97
N GLU C 9 -24.91 -3.04 21.57
CA GLU C 9 -25.08 -2.28 22.82
C GLU C 9 -23.99 -1.21 22.98
N LYS C 10 -24.34 -0.12 23.68
CA LYS C 10 -23.38 0.91 24.08
C LYS C 10 -22.54 0.37 25.24
N ILE C 11 -21.22 0.52 25.13
CA ILE C 11 -20.32 0.13 26.22
C ILE C 11 -20.05 1.30 27.16
N GLY C 12 -19.49 2.39 26.62
CA GLY C 12 -19.18 3.57 27.41
C GLY C 12 -18.59 4.73 26.64
N GLU C 13 -18.39 5.84 27.36
CA GLU C 13 -17.77 7.04 26.83
C GLU C 13 -16.38 7.19 27.44
N GLY C 14 -15.37 7.26 26.58
CA GLY C 14 -13.97 7.39 27.01
C GLY C 14 -13.46 8.81 26.92
N THR C 15 -12.21 8.94 26.48
CA THR C 15 -11.55 10.24 26.29
C THR C 15 -12.29 11.12 25.26
N TYR C 16 -12.85 10.48 24.24
CA TYR C 16 -13.66 11.13 23.22
C TYR C 16 -14.61 10.11 22.60
N GLY C 17 -15.76 10.58 22.13
CA GLY C 17 -16.74 9.73 21.44
C GLY C 17 -17.42 8.67 22.29
N VAL C 18 -18.04 7.71 21.61
CA VAL C 18 -18.81 6.62 22.25
C VAL C 18 -18.37 5.26 21.66
N VAL C 19 -18.11 4.30 22.53
CA VAL C 19 -17.74 2.94 22.12
C VAL C 19 -18.96 2.02 22.19
N TYR C 20 -19.29 1.40 21.06
CA TYR C 20 -20.40 0.45 20.94
C TYR C 20 -19.86 -0.94 20.64
N LYS C 21 -20.55 -1.97 21.12
CA LYS C 21 -20.35 -3.33 20.65
C LYS C 21 -21.16 -3.50 19.38
N ALA C 22 -20.52 -4.06 18.35
CA ALA C 22 -21.18 -4.32 17.08
C ALA C 22 -20.67 -5.62 16.46
N ARG C 23 -21.40 -6.13 15.47
CA ARG C 23 -20.98 -7.32 14.72
CA ARG C 23 -20.94 -7.29 14.72
C ARG C 23 -21.02 -7.14 13.20
N ASN C 24 -20.02 -7.71 12.54
CA ASN C 24 -19.91 -7.74 11.08
C ASN C 24 -20.90 -8.79 10.59
N LYS C 25 -21.88 -8.35 9.81
CA LYS C 25 -22.94 -9.24 9.30
C LYS C 25 -22.45 -10.28 8.30
N LEU C 26 -21.31 -9.99 7.65
CA LEU C 26 -20.76 -10.86 6.61
C LEU C 26 -19.75 -11.88 7.11
N THR C 27 -18.93 -11.50 8.09
CA THR C 27 -17.87 -12.38 8.60
C THR C 27 -18.20 -12.98 9.97
N GLY C 28 -19.14 -12.37 10.69
CA GLY C 28 -19.53 -12.80 12.03
C GLY C 28 -18.70 -12.21 13.16
N GLU C 29 -17.65 -11.47 12.81
CA GLU C 29 -16.71 -10.88 13.79
C GLU C 29 -17.40 -9.86 14.70
N VAL C 30 -17.19 -10.03 16.01
CA VAL C 30 -17.63 -9.04 17.01
C VAL C 30 -16.54 -7.97 17.12
N VAL C 31 -16.95 -6.72 17.02
CA VAL C 31 -16.04 -5.56 17.07
C VAL C 31 -16.52 -4.49 18.06
N ALA C 32 -15.64 -3.55 18.39
CA ALA C 32 -16.02 -2.36 19.13
C ALA C 32 -15.85 -1.13 18.23
N LEU C 33 -16.96 -0.44 17.99
CA LEU C 33 -16.94 0.79 17.19
C LEU C 33 -16.82 2.02 18.07
N LYS C 34 -15.83 2.85 17.77
CA LYS C 34 -15.64 4.13 18.45
C LYS C 34 -16.12 5.23 17.50
N LYS C 35 -17.32 5.76 17.81
CA LYS C 35 -17.99 6.78 17.00
C LYS C 35 -17.65 8.18 17.51
N ILE C 36 -17.25 9.05 16.59
CA ILE C 36 -16.98 10.47 16.88
C ILE C 36 -17.65 11.36 15.84
N ARG C 37 -18.48 12.29 16.30
CA ARG C 37 -19.11 13.29 15.43
C ARG C 37 -18.08 14.35 15.07
N LEU C 38 -18.04 14.73 13.79
CA LEU C 38 -17.09 15.74 13.31
C LEU C 38 -17.70 17.13 13.30
N ASP C 39 -16.87 18.12 13.60
CA ASP C 39 -17.26 19.51 13.67
C ASP C 39 -16.93 20.21 12.35
N THR C 40 -17.77 19.95 11.34
CA THR C 40 -17.52 20.39 9.95
C THR C 40 -17.57 21.92 9.68
N GLU C 41 -18.14 22.68 10.61
CA GLU C 41 -18.25 24.14 10.45
C GLU C 41 -17.41 24.93 11.47
N THR C 42 -16.91 24.25 12.50
CA THR C 42 -16.20 24.92 13.60
C THR C 42 -14.72 24.52 13.72
N GLU C 43 -14.44 23.34 14.27
CA GLU C 43 -13.07 22.96 14.64
C GLU C 43 -12.48 21.71 13.95
N GLY C 44 -13.32 20.95 13.25
CA GLY C 44 -12.88 19.80 12.45
C GLY C 44 -12.58 18.54 13.26
N VAL C 45 -11.59 17.78 12.80
CA VAL C 45 -11.22 16.49 13.41
C VAL C 45 -10.46 16.77 14.71
N PRO C 46 -10.96 16.25 15.85
CA PRO C 46 -10.32 16.51 17.14
C PRO C 46 -8.93 15.89 17.22
N SER C 47 -8.02 16.57 17.93
CA SER C 47 -6.63 16.14 18.05
C SER C 47 -6.47 14.80 18.78
N THR C 48 -7.43 14.49 19.64
CA THR C 48 -7.44 13.24 20.41
C THR C 48 -7.59 12.01 19.48
N ALA C 49 -8.50 12.13 18.50
CA ALA C 49 -8.71 11.10 17.47
C ALA C 49 -7.48 10.96 16.56
N ILE C 50 -6.98 12.10 16.07
CA ILE C 50 -5.78 12.18 15.23
C ILE C 50 -4.60 11.42 15.86
N ARG C 51 -4.36 11.67 17.15
CA ARG C 51 -3.26 11.04 17.89
C ARG C 51 -3.49 9.54 18.09
N GLU C 52 -4.70 9.15 18.50
CA GLU C 52 -5.04 7.74 18.69
C GLU C 52 -4.87 6.92 17.40
N ILE C 53 -5.46 7.41 16.30
CA ILE C 53 -5.39 6.73 15.01
C ILE C 53 -3.94 6.64 14.51
N SER C 54 -3.22 7.78 14.48
CA SER C 54 -1.84 7.82 13.99
C SER C 54 -0.90 6.90 14.76
N LEU C 55 -1.01 6.90 16.09
CA LEU C 55 -0.12 6.12 16.95
C LEU C 55 -0.44 4.62 16.96
N LEU C 56 -1.74 4.28 16.99
CA LEU C 56 -2.15 2.87 16.97
C LEU C 56 -1.98 2.15 15.61
N LYS C 57 -1.86 2.94 14.53
CA LYS C 57 -1.50 2.41 13.22
C LYS C 57 -0.04 1.94 13.20
N GLU C 58 0.83 2.68 13.90
CA GLU C 58 2.24 2.31 14.09
C GLU C 58 2.39 1.08 14.99
N LEU C 59 1.81 1.17 16.19
CA LEU C 59 1.98 0.15 17.24
C LEU C 59 1.16 -1.11 16.99
N ASN C 60 1.85 -2.23 16.85
CA ASN C 60 1.22 -3.54 16.75
CA ASN C 60 1.23 -3.55 16.74
C ASN C 60 1.88 -4.52 17.73
N HIS C 61 1.10 -4.93 18.74
CA HIS C 61 1.60 -5.75 19.85
C HIS C 61 0.45 -6.60 20.42
N PRO C 62 0.75 -7.81 20.95
CA PRO C 62 -0.30 -8.64 21.58
C PRO C 62 -1.02 -7.94 22.75
N ASN C 63 -0.31 -7.07 23.47
CA ASN C 63 -0.85 -6.40 24.66
C ASN C 63 -1.29 -4.95 24.42
N ILE C 64 -1.52 -4.62 23.15
CA ILE C 64 -2.10 -3.34 22.75
C ILE C 64 -3.32 -3.62 21.86
N VAL C 65 -4.43 -2.96 22.17
CA VAL C 65 -5.68 -3.12 21.42
C VAL C 65 -5.49 -2.83 19.92
N LYS C 66 -6.00 -3.75 19.11
CA LYS C 66 -5.80 -3.75 17.67
C LYS C 66 -6.83 -2.84 17.00
N LEU C 67 -6.33 -1.82 16.30
CA LEU C 67 -7.14 -1.00 15.41
C LEU C 67 -7.22 -1.71 14.05
N LEU C 68 -8.45 -2.01 13.64
CA LEU C 68 -8.71 -2.84 12.47
C LEU C 68 -9.05 -2.04 11.22
N ASP C 69 -9.74 -0.92 11.40
CA ASP C 69 -10.21 -0.08 10.29
C ASP C 69 -10.59 1.33 10.78
N VAL C 70 -10.53 2.28 9.85
CA VAL C 70 -11.06 3.63 10.06
C VAL C 70 -12.06 3.90 8.95
N ILE C 71 -13.32 4.10 9.32
CA ILE C 71 -14.38 4.38 8.36
C ILE C 71 -14.70 5.88 8.42
N HIS C 72 -14.55 6.50 7.26
CA HIS C 72 -14.16 7.90 7.15
C HIS C 72 -15.21 8.72 6.37
N THR C 73 -16.33 8.98 7.03
CA THR C 73 -17.45 9.75 6.44
C THR C 73 -17.20 11.26 6.55
N GLU C 74 -18.08 12.05 5.94
CA GLU C 74 -18.01 13.52 5.93
C GLU C 74 -18.32 14.15 7.30
N ASN C 75 -19.35 13.63 7.97
CA ASN C 75 -19.83 14.16 9.26
C ASN C 75 -19.52 13.29 10.50
N LYS C 76 -19.21 12.01 10.27
CA LYS C 76 -18.86 11.07 11.35
C LYS C 76 -17.57 10.30 11.08
N LEU C 77 -16.91 9.87 12.16
CA LEU C 77 -15.70 9.07 12.08
C LEU C 77 -15.83 7.84 12.99
N TYR C 78 -15.65 6.66 12.39
CA TYR C 78 -15.73 5.38 13.09
C TYR C 78 -14.37 4.70 13.12
N LEU C 79 -13.94 4.31 14.32
CA LEU C 79 -12.76 3.47 14.47
C LEU C 79 -13.23 2.06 14.81
N VAL C 80 -12.74 1.09 14.03
CA VAL C 80 -13.10 -0.31 14.25
C VAL C 80 -11.99 -1.00 15.03
N PHE C 81 -12.30 -1.41 16.26
CA PHE C 81 -11.36 -2.11 17.14
C PHE C 81 -11.75 -3.57 17.28
N GLU C 82 -10.80 -4.40 17.69
CA GLU C 82 -11.11 -5.75 18.18
C GLU C 82 -11.96 -5.64 19.45
N PHE C 83 -12.92 -6.55 19.60
CA PHE C 83 -13.73 -6.64 20.80
C PHE C 83 -13.06 -7.54 21.82
N LEU C 84 -12.96 -7.04 23.06
CA LEU C 84 -12.57 -7.85 24.21
C LEU C 84 -13.72 -7.96 25.20
N HIS C 85 -13.81 -9.11 25.89
CA HIS C 85 -14.97 -9.45 26.72
C HIS C 85 -15.23 -8.53 27.92
N GLN C 86 -14.15 -8.11 28.58
CA GLN C 86 -14.24 -7.43 29.88
C GLN C 86 -13.12 -6.40 30.05
N ASP C 87 -13.37 -5.35 30.84
CA ASP C 87 -12.31 -4.44 31.30
C ASP C 87 -11.91 -4.73 32.75
N LEU C 88 -10.73 -4.26 33.16
CA LEU C 88 -10.18 -4.58 34.48
C LEU C 88 -10.99 -4.02 35.66
N LYS C 89 -11.56 -2.81 35.48
CA LYS C 89 -12.39 -2.15 36.49
C LYS C 89 -13.61 -3.00 36.87
N LYS C 90 -14.34 -3.46 35.85
CA LYS C 90 -15.51 -4.31 36.06
C LYS C 90 -15.12 -5.68 36.60
N PHE C 91 -13.95 -6.17 36.17
CA PHE C 91 -13.42 -7.47 36.60
C PHE C 91 -13.09 -7.48 38.09
N MET C 92 -12.43 -6.42 38.56
CA MET C 92 -12.10 -6.26 39.98
C MET C 92 -13.33 -6.12 40.87
N ASP C 93 -14.34 -5.40 40.39
CA ASP C 93 -15.64 -5.28 41.07
C ASP C 93 -16.36 -6.61 41.20
N ALA C 94 -16.27 -7.43 40.15
CA ALA C 94 -16.82 -8.79 40.15
C ALA C 94 -16.01 -9.72 41.06
N SER C 95 -14.74 -9.38 41.27
CA SER C 95 -13.81 -10.14 42.12
C SER C 95 -13.74 -9.62 43.57
N ALA C 96 -14.67 -8.75 43.96
CA ALA C 96 -14.66 -8.09 45.28
C ALA C 96 -14.60 -9.05 46.47
N LEU C 97 -15.37 -10.13 46.40
CA LEU C 97 -15.51 -11.08 47.52
C LEU C 97 -14.62 -12.33 47.40
N THR C 98 -14.35 -12.77 46.17
CA THR C 98 -13.55 -13.97 45.90
C THR C 98 -12.03 -13.71 45.91
N GLY C 99 -11.64 -12.50 45.51
CA GLY C 99 -10.23 -12.19 45.26
C GLY C 99 -9.79 -12.58 43.85
N ILE C 100 -8.62 -12.11 43.45
CA ILE C 100 -8.00 -12.49 42.17
C ILE C 100 -6.77 -13.36 42.48
N PRO C 101 -6.69 -14.59 41.90
CA PRO C 101 -5.52 -15.46 42.15
C PRO C 101 -4.21 -14.79 41.80
N LEU C 102 -3.21 -14.92 42.67
CA LEU C 102 -1.89 -14.29 42.50
C LEU C 102 -1.16 -14.64 41.19
N PRO C 103 -1.25 -15.91 40.69
CA PRO C 103 -0.75 -16.20 39.34
C PRO C 103 -1.33 -15.30 38.23
N LEU C 104 -2.63 -15.01 38.29
CA LEU C 104 -3.31 -14.13 37.32
C LEU C 104 -2.89 -12.67 37.44
N ILE C 105 -2.70 -12.19 38.66
CA ILE C 105 -2.20 -10.83 38.94
C ILE C 105 -0.79 -10.67 38.37
N LYS C 106 0.05 -11.68 38.62
CA LYS C 106 1.42 -11.74 38.09
C LYS C 106 1.44 -11.70 36.56
N SER C 107 0.55 -12.48 35.95
CA SER C 107 0.40 -12.60 34.50
C SER C 107 -0.04 -11.28 33.87
N TYR C 108 -1.10 -10.68 34.44
CA TYR C 108 -1.61 -9.39 33.98
C TYR C 108 -0.57 -8.27 34.04
N LEU C 109 0.15 -8.16 35.16
CA LEU C 109 1.20 -7.15 35.32
C LEU C 109 2.37 -7.34 34.33
N PHE C 110 2.74 -8.60 34.09
CA PHE C 110 3.81 -8.96 33.14
C PHE C 110 3.46 -8.49 31.71
N GLN C 111 2.22 -8.81 31.30
CA GLN C 111 1.72 -8.45 29.99
C GLN C 111 1.58 -6.93 29.79
N LEU C 112 1.07 -6.24 30.82
CA LEU C 112 0.90 -4.79 30.79
C LEU C 112 2.22 -4.05 30.65
N LEU C 113 3.27 -4.61 31.26
CA LEU C 113 4.63 -4.05 31.15
C LEU C 113 5.25 -4.30 29.78
N GLN C 114 4.94 -5.45 29.17
CA GLN C 114 5.35 -5.78 27.79
C GLN C 114 4.73 -4.81 26.79
N GLY C 115 3.42 -4.57 26.96
CA GLY C 115 2.68 -3.58 26.17
C GLY C 115 3.23 -2.18 26.31
N LEU C 116 3.51 -1.79 27.57
CA LEU C 116 4.03 -0.45 27.87
C LEU C 116 5.47 -0.23 27.42
N ALA C 117 6.32 -1.26 27.58
CA ALA C 117 7.69 -1.23 27.05
C ALA C 117 7.70 -1.04 25.53
N PHE C 118 6.75 -1.69 24.84
CA PHE C 118 6.56 -1.50 23.40
C PHE C 118 6.18 -0.06 23.04
N CYS C 119 5.30 0.56 23.83
CA CYS C 119 4.93 1.97 23.66
C CYS C 119 6.12 2.91 23.85
N HIS C 120 6.84 2.73 24.97
CA HIS C 120 7.99 3.57 25.31
C HIS C 120 9.16 3.42 24.34
N SER C 121 9.39 2.19 23.88
CA SER C 121 10.41 1.90 22.84
C SER C 121 10.12 2.59 21.52
N HIS C 122 8.84 2.88 21.27
CA HIS C 122 8.38 3.52 20.03
C HIS C 122 7.92 4.95 20.27
N ARG C 123 8.57 5.60 21.23
CA ARG C 123 8.34 7.01 21.64
C ARG C 123 6.86 7.41 21.93
N VAL C 124 6.11 6.55 22.62
CA VAL C 124 4.70 6.84 22.94
C VAL C 124 4.44 6.78 24.45
N LEU C 125 3.94 7.88 25.01
CA LEU C 125 3.37 7.90 26.37
C LEU C 125 1.88 7.63 26.27
N HIS C 126 1.36 6.78 27.16
CA HIS C 126 -0.07 6.50 27.21
C HIS C 126 -0.83 7.61 27.94
N ARG C 127 -0.42 7.87 29.19
CA ARG C 127 -0.91 8.99 30.04
C ARG C 127 -2.36 8.88 30.53
N ASP C 128 -2.94 7.69 30.44
CA ASP C 128 -4.28 7.43 30.99
C ASP C 128 -4.46 5.96 31.38
N LEU C 129 -3.43 5.40 32.00
CA LEU C 129 -3.49 4.02 32.47
C LEU C 129 -4.35 3.94 33.73
N LYS C 130 -5.55 3.40 33.54
CA LYS C 130 -6.50 3.13 34.61
C LYS C 130 -7.23 1.83 34.25
N PRO C 131 -7.78 1.11 35.26
CA PRO C 131 -8.46 -0.18 35.02
C PRO C 131 -9.55 -0.19 33.93
N GLN C 132 -10.19 0.96 33.69
CA GLN C 132 -11.19 1.12 32.63
C GLN C 132 -10.59 0.99 31.22
N ASN C 133 -9.34 1.43 31.08
CA ASN C 133 -8.61 1.42 29.82
C ASN C 133 -7.76 0.15 29.61
N LEU C 134 -8.04 -0.89 30.38
CA LEU C 134 -7.30 -2.15 30.32
C LEU C 134 -8.28 -3.29 30.10
N LEU C 135 -8.12 -3.98 28.97
CA LEU C 135 -9.12 -4.93 28.48
C LEU C 135 -8.64 -6.37 28.51
N ILE C 136 -9.55 -7.29 28.86
CA ILE C 136 -9.24 -8.71 29.06
C ILE C 136 -10.15 -9.63 28.24
N ASN C 137 -9.58 -10.74 27.76
CA ASN C 137 -10.35 -11.79 27.07
C ASN C 137 -10.45 -13.08 27.90
N THR C 138 -11.23 -14.05 27.40
CA THR C 138 -11.39 -15.36 28.05
C THR C 138 -10.10 -16.19 28.04
N GLU C 139 -9.23 -15.93 27.06
CA GLU C 139 -7.97 -16.66 26.88
C GLU C 139 -6.86 -16.32 27.88
N GLY C 140 -7.03 -15.22 28.62
CA GLY C 140 -6.06 -14.81 29.64
C GLY C 140 -5.16 -13.62 29.30
N ALA C 141 -5.48 -12.92 28.21
CA ALA C 141 -4.71 -11.76 27.78
C ALA C 141 -5.24 -10.44 28.35
N ILE C 142 -4.33 -9.51 28.62
CA ILE C 142 -4.68 -8.13 28.98
C ILE C 142 -4.03 -7.13 28.01
N LYS C 143 -4.80 -6.14 27.57
CA LYS C 143 -4.37 -5.20 26.54
C LYS C 143 -4.61 -3.73 26.91
N LEU C 144 -3.67 -2.87 26.53
CA LEU C 144 -3.79 -1.42 26.71
C LEU C 144 -4.77 -0.84 25.70
N ALA C 145 -5.68 0.01 26.18
CA ALA C 145 -6.69 0.64 25.32
C ALA C 145 -6.82 2.14 25.56
N ASP C 146 -7.56 2.80 24.64
CA ASP C 146 -7.82 4.25 24.64
C ASP C 146 -6.55 5.09 24.67
N PHE C 147 -6.03 5.38 23.47
CA PHE C 147 -4.84 6.20 23.29
C PHE C 147 -5.23 7.66 22.95
N GLY C 148 -6.44 8.04 23.38
CA GLY C 148 -6.96 9.40 23.21
C GLY C 148 -6.14 10.48 23.90
N LEU C 149 -5.54 10.15 25.04
CA LEU C 149 -4.68 11.08 25.79
C LEU C 149 -3.19 10.82 25.53
N ALA C 150 -2.89 9.92 24.60
CA ALA C 150 -1.51 9.56 24.25
C ALA C 150 -0.77 10.66 23.47
N ARG C 151 0.56 10.59 23.49
CA ARG C 151 1.42 11.59 22.85
C ARG C 151 2.73 10.96 22.36
N ALA C 152 3.12 11.33 21.13
CA ALA C 152 4.43 10.96 20.59
C ALA C 152 5.48 11.92 21.14
N PHE C 153 6.36 11.40 22.01
CA PHE C 153 7.40 12.24 22.62
C PHE C 153 8.71 12.25 21.82
N GLY C 154 9.57 13.19 22.15
CA GLY C 154 10.92 13.28 21.59
C GLY C 154 11.98 13.08 22.65
N VAL C 155 13.23 12.90 22.21
CA VAL C 155 14.38 12.71 23.11
C VAL C 155 15.35 13.89 22.93
N PRO C 156 15.57 14.69 23.98
CA PRO C 156 14.88 14.56 25.27
C PRO C 156 13.49 15.21 25.26
N VAL C 157 12.69 14.91 26.27
CA VAL C 157 11.32 15.45 26.39
C VAL C 157 11.34 16.97 26.63
N ARG C 158 10.30 17.64 26.14
CA ARG C 158 10.01 19.02 26.54
C ARG C 158 8.71 19.07 27.38
N THR C 159 8.24 20.27 27.70
CA THR C 159 7.02 20.46 28.49
C THR C 159 5.78 20.03 27.69
N TYR C 160 4.98 19.16 28.30
CA TYR C 160 3.73 18.68 27.70
C TYR C 160 2.50 19.06 28.54
N TPO C 161 1.32 18.63 28.10
CA TPO C 161 0.03 18.95 28.73
CB TPO C 161 -1.09 18.28 27.92
CG2 TPO C 161 -2.50 18.71 28.35
OG1 TPO C 161 -0.92 18.60 26.53
P TPO C 161 -0.61 17.51 25.38
O1P TPO C 161 -0.65 18.33 24.12
O2P TPO C 161 0.77 16.97 25.70
O3P TPO C 161 -1.71 16.49 25.52
C TPO C 161 -0.01 18.50 30.17
O TPO C 161 0.26 17.33 30.47
N HIS C 162 -0.34 19.42 31.08
CA HIS C 162 -0.39 19.12 32.51
C HIS C 162 -1.62 18.30 32.93
N GLU C 163 -2.77 18.60 32.31
CA GLU C 163 -4.04 17.94 32.65
C GLU C 163 -4.13 16.52 32.08
N VAL C 164 -3.22 15.66 32.54
CA VAL C 164 -3.10 14.27 32.09
C VAL C 164 -3.13 13.31 33.27
N VAL C 165 -3.60 12.08 33.01
CA VAL C 165 -3.82 11.01 34.02
C VAL C 165 -4.91 11.40 35.03
N THR C 166 -5.94 10.57 35.16
CA THR C 166 -6.99 10.81 36.17
C THR C 166 -6.40 10.72 37.58
N LEU C 167 -6.99 11.49 38.51
CA LEU C 167 -6.40 11.80 39.83
C LEU C 167 -5.78 10.62 40.60
N TRP C 168 -6.54 9.54 40.78
CA TRP C 168 -6.12 8.39 41.61
C TRP C 168 -4.87 7.65 41.11
N TYR C 169 -4.48 7.91 39.86
CA TYR C 169 -3.38 7.22 39.20
C TYR C 169 -2.28 8.16 38.75
N ARG C 170 -2.37 9.42 39.20
CA ARG C 170 -1.45 10.48 38.81
C ARG C 170 -0.15 10.45 39.63
N ALA C 171 0.98 10.47 38.91
CA ALA C 171 2.32 10.47 39.48
C ALA C 171 2.64 11.77 40.21
N PRO C 172 3.42 11.71 41.31
CA PRO C 172 3.78 12.89 42.12
C PRO C 172 4.37 14.08 41.35
N GLU C 173 5.17 13.79 40.31
CA GLU C 173 5.78 14.85 39.47
C GLU C 173 4.75 15.64 38.64
N ILE C 174 3.59 15.03 38.36
CA ILE C 174 2.47 15.73 37.70
C ILE C 174 1.75 16.64 38.71
N LEU C 175 1.37 16.05 39.85
CA LEU C 175 0.63 16.74 40.93
C LEU C 175 1.34 17.98 41.46
N LEU C 176 2.67 17.92 41.57
CA LEU C 176 3.50 19.03 42.05
C LEU C 176 3.79 20.08 40.97
N GLY C 177 3.49 19.74 39.72
CA GLY C 177 3.67 20.65 38.58
C GLY C 177 5.11 20.84 38.15
N CYS C 178 5.92 19.78 38.27
CA CYS C 178 7.28 19.74 37.71
C CYS C 178 7.22 19.91 36.21
N LYS C 179 8.07 20.79 35.67
CA LYS C 179 7.96 21.24 34.27
C LYS C 179 8.10 20.14 33.20
N TYR C 180 8.90 19.11 33.51
CA TYR C 180 9.06 17.95 32.63
C TYR C 180 8.46 16.69 33.25
N TYR C 181 7.97 15.81 32.39
CA TYR C 181 7.67 14.43 32.74
C TYR C 181 7.87 13.52 31.52
N SER C 182 8.12 12.24 31.78
CA SER C 182 8.45 11.29 30.72
C SER C 182 7.76 9.95 30.95
N THR C 183 8.46 8.85 30.59
CA THR C 183 7.92 7.48 30.62
C THR C 183 7.57 6.97 32.03
N ALA C 184 8.12 7.61 33.05
CA ALA C 184 7.94 7.20 34.46
C ALA C 184 6.51 7.39 34.99
N VAL C 185 5.78 8.35 34.41
CA VAL C 185 4.39 8.62 34.80
C VAL C 185 3.47 7.43 34.51
N ASP C 186 3.79 6.66 33.47
CA ASP C 186 3.04 5.46 33.10
C ASP C 186 3.34 4.29 34.04
N ILE C 187 4.58 4.23 34.53
CA ILE C 187 5.01 3.21 35.49
C ILE C 187 4.26 3.37 36.83
N TRP C 188 4.17 4.62 37.31
CA TRP C 188 3.43 4.94 38.54
C TRP C 188 1.99 4.43 38.49
N SER C 189 1.31 4.73 37.38
CA SER C 189 -0.07 4.31 37.15
C SER C 189 -0.21 2.80 37.23
N LEU C 190 0.73 2.08 36.60
CA LEU C 190 0.78 0.62 36.69
C LEU C 190 1.10 0.12 38.10
N GLY C 191 1.88 0.90 38.85
CA GLY C 191 2.15 0.64 40.27
C GLY C 191 0.87 0.63 41.10
N CYS C 192 0.04 1.65 40.91
CA CYS C 192 -1.26 1.78 41.59
C CYS C 192 -2.23 0.66 41.20
N ILE C 193 -2.19 0.26 39.92
CA ILE C 193 -3.03 -0.80 39.37
C ILE C 193 -2.58 -2.18 39.89
N PHE C 194 -1.26 -2.35 40.04
CA PHE C 194 -0.67 -3.55 40.66
C PHE C 194 -1.22 -3.76 42.07
N ALA C 195 -1.17 -2.70 42.89
CA ALA C 195 -1.70 -2.72 44.26
C ALA C 195 -3.20 -2.96 44.31
N GLU C 196 -3.93 -2.35 43.37
CA GLU C 196 -5.39 -2.43 43.28
C GLU C 196 -5.88 -3.83 42.93
N MET C 197 -5.12 -4.58 42.14
CA MET C 197 -5.46 -5.97 41.79
C MET C 197 -5.39 -6.88 43.02
N VAL C 198 -4.43 -6.60 43.91
CA VAL C 198 -4.22 -7.39 45.14
C VAL C 198 -5.35 -7.16 46.16
N THR C 199 -5.62 -5.89 46.45
CA THR C 199 -6.57 -5.49 47.50
C THR C 199 -8.03 -5.38 47.01
N ARG C 200 -8.19 -5.18 45.71
CA ARG C 200 -9.49 -4.91 45.05
C ARG C 200 -10.08 -3.54 45.42
N ARG C 201 -9.20 -2.67 45.96
CA ARG C 201 -9.51 -1.28 46.30
CA ARG C 201 -9.51 -1.29 46.28
C ARG C 201 -8.41 -0.39 45.75
N ALA C 202 -8.77 0.82 45.32
CA ALA C 202 -7.81 1.82 44.84
C ALA C 202 -6.81 2.15 45.95
N LEU C 203 -5.54 2.26 45.55
CA LEU C 203 -4.45 2.53 46.49
C LEU C 203 -4.52 3.96 47.06
N PHE C 204 -4.61 4.95 46.18
CA PHE C 204 -4.69 6.35 46.58
C PHE C 204 -5.96 7.03 46.05
N PRO C 205 -7.11 6.82 46.73
CA PRO C 205 -8.37 7.39 46.25
C PRO C 205 -8.59 8.84 46.74
N GLY C 206 -7.78 9.77 46.24
CA GLY C 206 -7.86 11.18 46.61
C GLY C 206 -9.17 11.85 46.23
N ASP C 207 -9.72 12.62 47.18
CA ASP C 207 -10.94 13.42 46.98
C ASP C 207 -10.66 14.72 46.21
N SER C 208 -9.42 15.21 46.32
CA SER C 208 -8.96 16.45 45.68
C SER C 208 -7.46 16.35 45.39
N GLU C 209 -6.86 17.43 44.87
CA GLU C 209 -5.43 17.47 44.57
C GLU C 209 -4.51 17.33 45.79
N ILE C 210 -4.83 18.03 46.87
CA ILE C 210 -4.04 17.95 48.11
C ILE C 210 -4.27 16.64 48.88
N ASP C 211 -5.51 16.12 48.85
CA ASP C 211 -5.85 14.85 49.48
C ASP C 211 -5.10 13.68 48.83
N GLN C 212 -4.89 13.80 47.52
CA GLN C 212 -4.08 12.86 46.73
C GLN C 212 -2.64 12.85 47.21
N LEU C 213 -2.00 14.03 47.22
CA LEU C 213 -0.63 14.20 47.71
C LEU C 213 -0.44 13.73 49.17
N PHE C 214 -1.42 14.05 50.01
CA PHE C 214 -1.44 13.63 51.42
C PHE C 214 -1.51 12.11 51.59
N ARG C 215 -2.31 11.45 50.74
CA ARG C 215 -2.45 9.98 50.74
C ARG C 215 -1.18 9.28 50.26
N ILE C 216 -0.44 9.97 49.39
CA ILE C 216 0.84 9.48 48.89
C ILE C 216 1.94 9.57 49.96
N PHE C 217 2.10 10.76 50.56
CA PHE C 217 3.09 10.99 51.64
C PHE C 217 2.87 10.08 52.85
N ARG C 218 1.60 9.79 53.16
CA ARG C 218 1.18 8.82 54.18
C ARG C 218 1.84 7.45 54.09
N THR C 219 1.96 6.95 52.86
CA THR C 219 2.45 5.60 52.59
C THR C 219 3.97 5.60 52.37
N LEU C 220 4.48 6.67 51.74
CA LEU C 220 5.83 6.66 51.19
C LEU C 220 6.81 7.68 51.78
N GLY C 221 6.29 8.78 52.34
CA GLY C 221 7.11 9.83 52.95
C GLY C 221 7.69 10.80 51.94
N VAL C 253 0.94 -2.69 51.15
CA VAL C 253 0.07 -3.75 50.66
C VAL C 253 0.43 -5.10 51.34
N PRO C 254 -0.39 -5.52 52.32
CA PRO C 254 -0.14 -6.74 53.13
C PRO C 254 -0.07 -8.14 52.46
N PRO C 255 -1.08 -8.54 51.62
CA PRO C 255 -1.08 -9.96 51.17
C PRO C 255 -0.02 -10.35 50.13
N LEU C 256 0.95 -9.47 49.91
CA LEU C 256 1.97 -9.63 48.87
C LEU C 256 3.30 -10.10 49.46
N ASP C 257 3.94 -11.04 48.76
CA ASP C 257 5.25 -11.60 49.15
C ASP C 257 6.41 -10.59 49.04
N GLU C 258 7.62 -11.03 49.38
CA GLU C 258 8.82 -10.17 49.39
C GLU C 258 9.22 -9.67 48.00
N ASP C 259 9.08 -10.52 46.98
CA ASP C 259 9.37 -10.15 45.59
C ASP C 259 8.38 -9.11 45.07
N GLY C 260 7.10 -9.32 45.37
CA GLY C 260 6.02 -8.41 44.98
C GLY C 260 6.18 -6.99 45.50
N ARG C 261 6.57 -6.86 46.78
CA ARG C 261 6.80 -5.57 47.41
C ARG C 261 8.04 -4.86 46.86
N SER C 262 9.06 -5.63 46.50
CA SER C 262 10.31 -5.11 45.93
C SER C 262 10.09 -4.41 44.59
N LEU C 263 9.23 -5.00 43.75
CA LEU C 263 8.88 -4.42 42.44
C LEU C 263 7.99 -3.20 42.62
N LEU C 264 6.95 -3.34 43.44
CA LEU C 264 5.99 -2.27 43.76
C LEU C 264 6.66 -0.98 44.24
N SER C 265 7.66 -1.12 45.10
CA SER C 265 8.40 0.01 45.67
C SER C 265 9.27 0.74 44.63
N GLN C 266 9.81 -0.01 43.67
CA GLN C 266 10.58 0.57 42.56
C GLN C 266 9.67 1.21 41.52
N MET C 267 8.47 0.65 41.35
CA MET C 267 7.43 1.21 40.49
C MET C 267 6.81 2.48 41.07
N LEU C 268 6.77 2.57 42.40
CA LEU C 268 6.22 3.73 43.12
C LEU C 268 7.29 4.64 43.78
N HIS C 269 8.47 4.72 43.17
CA HIS C 269 9.55 5.58 43.66
C HIS C 269 9.23 7.05 43.40
N TYR C 270 9.72 7.94 44.27
CA TYR C 270 9.53 9.38 44.14
C TYR C 270 10.26 9.97 42.93
N ASP C 271 11.56 9.71 42.85
CA ASP C 271 12.39 10.20 41.76
C ASP C 271 12.04 9.44 40.48
N PRO C 272 11.60 10.16 39.42
CA PRO C 272 11.24 9.53 38.14
C PRO C 272 12.44 8.90 37.41
N ASN C 273 13.61 9.50 37.59
CA ASN C 273 14.86 8.98 37.02
C ASN C 273 15.34 7.70 37.71
N LYS C 274 14.98 7.54 38.99
CA LYS C 274 15.30 6.35 39.76
C LYS C 274 14.21 5.28 39.63
N ARG C 275 12.99 5.73 39.30
CA ARG C 275 11.84 4.85 39.08
C ARG C 275 12.13 3.88 37.94
N ILE C 276 11.79 2.61 38.17
CA ILE C 276 12.08 1.50 37.26
C ILE C 276 11.34 1.66 35.91
N SER C 277 12.08 1.43 34.82
CA SER C 277 11.50 1.39 33.47
C SER C 277 10.74 0.07 33.28
N ALA C 278 9.85 0.05 32.30
CA ALA C 278 9.08 -1.15 31.93
C ALA C 278 9.97 -2.29 31.44
N LYS C 279 11.04 -1.95 30.72
CA LYS C 279 12.08 -2.88 30.27
C LYS C 279 12.69 -3.66 31.43
N ALA C 280 13.23 -2.91 32.41
CA ALA C 280 13.89 -3.48 33.59
C ALA C 280 12.92 -4.24 34.50
N ALA C 281 11.68 -3.76 34.59
CA ALA C 281 10.63 -4.38 35.40
C ALA C 281 10.28 -5.81 34.97
N LEU C 282 10.44 -6.09 33.67
CA LEU C 282 10.24 -7.43 33.10
C LEU C 282 11.31 -8.43 33.56
N ALA C 283 12.49 -7.92 33.92
CA ALA C 283 13.62 -8.73 34.39
C ALA C 283 13.66 -8.90 35.92
N HIS C 284 12.61 -8.45 36.60
CA HIS C 284 12.52 -8.56 38.06
C HIS C 284 12.22 -10.01 38.50
N PRO C 285 12.87 -10.48 39.61
CA PRO C 285 12.67 -11.83 40.16
C PRO C 285 11.21 -12.25 40.40
N PHE C 286 10.32 -11.28 40.55
CA PHE C 286 8.88 -11.51 40.74
C PHE C 286 8.27 -12.32 39.59
N PHE C 287 8.78 -12.11 38.38
CA PHE C 287 8.23 -12.73 37.15
C PHE C 287 8.88 -14.04 36.73
N GLN C 288 9.89 -14.52 37.46
CA GLN C 288 10.64 -15.73 37.05
C GLN C 288 9.79 -17.00 36.88
N ASP C 289 8.70 -17.07 37.63
CA ASP C 289 7.75 -18.20 37.58
C ASP C 289 6.37 -17.79 37.01
N VAL C 290 6.38 -16.89 36.03
CA VAL C 290 5.14 -16.38 35.41
C VAL C 290 4.46 -17.42 34.50
N THR C 291 3.14 -17.49 34.61
CA THR C 291 2.30 -18.33 33.74
C THR C 291 1.24 -17.47 33.05
N LYS C 292 0.35 -18.11 32.29
CA LYS C 292 -0.80 -17.43 31.68
C LYS C 292 -2.13 -18.12 32.05
N PRO C 293 -2.67 -17.84 33.27
CA PRO C 293 -3.94 -18.47 33.66
C PRO C 293 -5.16 -17.82 33.02
N VAL C 294 -6.23 -18.61 32.91
CA VAL C 294 -7.55 -18.15 32.43
C VAL C 294 -8.28 -17.47 33.61
N PRO C 295 -8.97 -16.32 33.36
CA PRO C 295 -9.60 -15.59 34.47
C PRO C 295 -10.98 -16.06 34.95
N HIS C 296 -11.72 -16.78 34.09
CA HIS C 296 -13.11 -17.24 34.35
C HIS C 296 -14.12 -16.09 34.50
N LEU C 297 -14.94 -15.88 33.47
CA LEU C 297 -16.01 -14.87 33.51
C LEU C 297 -17.27 -15.27 32.74
N PRO D 2 16.57 7.59 27.86
CA PRO D 2 17.35 6.97 28.92
C PRO D 2 17.60 5.48 28.66
N ASP D 3 16.61 4.63 28.96
CA ASP D 3 16.64 3.19 28.63
C ASP D 3 16.31 2.97 27.16
N TYR D 4 15.43 3.83 26.62
CA TYR D 4 14.83 3.63 25.31
C TYR D 4 15.45 4.48 24.21
N HIS D 5 16.42 5.33 24.55
CA HIS D 5 17.04 6.27 23.59
C HIS D 5 17.69 5.57 22.39
N GLU D 6 18.13 4.32 22.61
CA GLU D 6 18.67 3.48 21.54
C GLU D 6 17.56 2.89 20.66
N ASP D 7 16.52 2.34 21.30
CA ASP D 7 15.34 1.77 20.62
C ASP D 7 14.56 2.80 19.79
N ILE D 8 14.38 3.99 20.38
CA ILE D 8 13.68 5.11 19.72
C ILE D 8 14.44 5.55 18.47
N HIS D 9 15.76 5.71 18.60
CA HIS D 9 16.63 6.06 17.46
C HIS D 9 16.51 5.08 16.29
N THR D 10 16.62 3.77 16.59
CA THR D 10 16.52 2.70 15.59
C THR D 10 15.15 2.72 14.88
N TYR D 11 14.09 2.92 15.66
CA TYR D 11 12.73 3.01 15.13
C TYR D 11 12.50 4.24 14.26
N LEU D 12 13.01 5.40 14.69
CA LEU D 12 12.95 6.63 13.91
C LEU D 12 13.68 6.49 12.58
N ARG D 13 14.76 5.71 12.58
CA ARG D 13 15.55 5.42 11.36
C ARG D 13 14.80 4.53 10.37
N GLU D 14 13.99 3.61 10.90
CA GLU D 14 13.05 2.81 10.10
C GLU D 14 11.99 3.72 9.48
N MET D 15 11.36 4.54 10.33
CA MET D 15 10.16 5.30 9.96
C MET D 15 10.42 6.44 8.97
N GLU D 16 11.59 7.06 9.07
CA GLU D 16 11.99 8.14 8.15
C GLU D 16 12.09 7.65 6.70
N VAL D 17 12.46 6.39 6.52
CA VAL D 17 12.46 5.75 5.19
C VAL D 17 11.02 5.62 4.68
N LYS D 18 10.10 5.19 5.55
CA LYS D 18 8.68 4.99 5.22
C LYS D 18 7.89 6.30 5.04
N CYS D 19 8.31 7.35 5.74
CA CYS D 19 7.69 8.68 5.67
C CYS D 19 8.28 9.59 4.59
N LYS D 20 9.29 9.10 3.88
CA LYS D 20 9.98 9.87 2.85
C LYS D 20 9.06 10.22 1.68
N PRO D 21 9.01 11.53 1.29
CA PRO D 21 8.29 11.94 0.09
C PRO D 21 8.94 11.42 -1.19
N LYS D 22 8.17 11.42 -2.28
CA LYS D 22 8.65 11.07 -3.61
C LYS D 22 9.72 12.09 -4.05
N VAL D 23 10.92 11.59 -4.35
CA VAL D 23 12.14 12.42 -4.60
C VAL D 23 11.93 13.56 -5.60
N GLY D 24 11.42 13.25 -6.79
CA GLY D 24 11.20 14.26 -7.82
C GLY D 24 9.74 14.39 -8.25
N TYR D 25 8.85 14.65 -7.29
CA TYR D 25 7.42 14.78 -7.56
C TYR D 25 7.06 16.05 -8.34
N MET D 26 7.82 17.13 -8.13
CA MET D 26 7.53 18.44 -8.72
C MET D 26 7.58 18.46 -10.25
N LYS D 27 8.37 17.54 -10.82
CA LYS D 27 8.43 17.30 -12.27
C LYS D 27 7.12 16.74 -12.81
N LYS D 28 6.37 16.03 -11.96
CA LYS D 28 5.04 15.49 -12.31
C LYS D 28 3.87 16.38 -11.86
N GLN D 29 4.18 17.53 -11.27
CA GLN D 29 3.19 18.56 -10.96
C GLN D 29 3.15 19.56 -12.12
N PRO D 30 2.07 19.56 -12.93
CA PRO D 30 2.03 20.41 -14.13
C PRO D 30 1.89 21.92 -13.89
N ASP D 31 1.44 22.31 -12.69
CA ASP D 31 1.08 23.71 -12.44
C ASP D 31 1.90 24.39 -11.34
N ILE D 32 2.58 23.60 -10.51
CA ILE D 32 3.40 24.14 -9.41
C ILE D 32 4.88 23.76 -9.53
N THR D 33 5.75 24.65 -9.03
CA THR D 33 7.20 24.51 -9.16
C THR D 33 7.89 24.52 -7.79
N ASN D 34 9.19 24.21 -7.78
CA ASN D 34 10.04 24.29 -6.57
C ASN D 34 10.10 25.70 -5.94
N SER D 35 10.07 26.72 -6.81
CA SER D 35 10.04 28.13 -6.41
C SER D 35 8.77 28.51 -5.64
N MET D 36 7.62 28.00 -6.09
CA MET D 36 6.33 28.21 -5.41
C MET D 36 6.30 27.53 -4.04
N ARG D 37 6.86 26.32 -3.99
CA ARG D 37 7.02 25.57 -2.74
C ARG D 37 7.90 26.31 -1.74
N ALA D 38 8.95 26.95 -2.24
CA ALA D 38 9.86 27.79 -1.43
C ALA D 38 9.14 28.98 -0.78
N ILE D 39 8.26 29.62 -1.55
CA ILE D 39 7.40 30.70 -1.05
C ILE D 39 6.51 30.22 0.10
N LEU D 40 5.87 29.06 -0.09
CA LEU D 40 4.92 28.48 0.87
C LEU D 40 5.56 28.12 2.21
N VAL D 41 6.69 27.41 2.16
CA VAL D 41 7.45 27.02 3.37
C VAL D 41 7.92 28.27 4.15
N ASP D 42 8.38 29.28 3.42
CA ASP D 42 8.78 30.57 4.00
C ASP D 42 7.61 31.24 4.75
N TRP D 43 6.44 31.24 4.11
CA TRP D 43 5.21 31.75 4.72
C TRP D 43 4.86 31.02 6.03
N LEU D 44 5.09 29.71 6.05
CA LEU D 44 4.83 28.88 7.25
C LEU D 44 5.79 29.16 8.41
N VAL D 45 7.02 29.56 8.08
CA VAL D 45 8.00 30.04 9.08
C VAL D 45 7.46 31.30 9.79
N GLU D 46 6.92 32.22 9.00
CA GLU D 46 6.25 33.43 9.53
C GLU D 46 5.07 33.09 10.44
N VAL D 47 4.19 32.20 9.97
CA VAL D 47 3.03 31.73 10.73
C VAL D 47 3.47 31.09 12.05
N GLY D 48 4.51 30.24 11.98
CA GLY D 48 5.14 29.64 13.16
C GLY D 48 5.63 30.64 14.18
N GLU D 49 6.19 31.75 13.70
CA GLU D 49 6.66 32.86 14.55
C GLU D 49 5.53 33.72 15.11
N GLU D 50 4.56 34.07 14.26
CA GLU D 50 3.39 34.88 14.63
C GLU D 50 2.60 34.28 15.80
N TYR D 51 2.42 32.96 15.77
CA TYR D 51 1.65 32.24 16.81
C TYR D 51 2.53 31.50 17.82
N LYS D 52 3.84 31.78 17.79
CA LYS D 52 4.84 31.21 18.72
C LYS D 52 4.76 29.67 18.80
N LEU D 53 4.77 29.05 17.63
CA LEU D 53 4.66 27.60 17.51
C LEU D 53 6.02 26.94 17.62
N GLN D 54 6.02 25.69 18.08
CA GLN D 54 7.22 24.85 18.16
C GLN D 54 7.83 24.68 16.78
N ASN D 55 9.16 24.57 16.74
CA ASN D 55 9.88 24.32 15.50
C ASN D 55 9.54 22.96 14.89
N GLU D 56 9.22 22.00 15.76
CA GLU D 56 8.76 20.66 15.38
C GLU D 56 7.49 20.69 14.52
N THR D 57 6.52 21.50 14.95
CA THR D 57 5.27 21.73 14.22
C THR D 57 5.52 22.13 12.76
N LEU D 58 6.51 23.02 12.56
CA LEU D 58 6.87 23.52 11.23
C LEU D 58 7.52 22.43 10.36
N HIS D 59 8.39 21.62 10.96
CA HIS D 59 9.00 20.48 10.27
C HIS D 59 7.96 19.43 9.84
N LEU D 60 7.05 19.10 10.76
CA LEU D 60 5.97 18.15 10.50
C LEU D 60 5.06 18.58 9.33
N ALA D 61 4.67 19.86 9.31
CA ALA D 61 3.79 20.40 8.27
C ALA D 61 4.38 20.30 6.86
N VAL D 62 5.68 20.53 6.75
CA VAL D 62 6.40 20.42 5.47
C VAL D 62 6.39 18.97 4.95
N ASN D 63 6.63 18.01 5.85
CA ASN D 63 6.55 16.58 5.56
C ASN D 63 5.16 16.16 5.05
N TYR D 64 4.11 16.72 5.67
CA TYR D 64 2.72 16.48 5.25
C TYR D 64 2.46 17.05 3.85
N ILE D 65 2.92 18.28 3.60
CA ILE D 65 2.79 18.93 2.29
C ILE D 65 3.48 18.11 1.19
N ASP D 66 4.75 17.77 1.42
CA ASP D 66 5.55 17.00 0.46
C ASP D 66 4.97 15.62 0.14
N ARG D 67 4.47 14.92 1.16
CA ARG D 67 3.83 13.62 0.99
C ARG D 67 2.51 13.75 0.23
N PHE D 68 1.73 14.77 0.58
CA PHE D 68 0.47 15.08 -0.11
C PHE D 68 0.69 15.38 -1.59
N LEU D 69 1.68 16.23 -1.88
CA LEU D 69 1.98 16.66 -3.24
C LEU D 69 2.64 15.56 -4.10
N SER D 70 3.15 14.52 -3.44
CA SER D 70 3.61 13.29 -4.11
C SER D 70 2.45 12.50 -4.77
N SER D 71 1.27 12.54 -4.15
CA SER D 71 0.09 11.79 -4.63
C SER D 71 -0.90 12.64 -5.42
N MET D 72 -1.02 13.92 -5.07
CA MET D 72 -2.13 14.76 -5.55
C MET D 72 -1.62 15.96 -6.34
N SER D 73 -2.12 16.10 -7.57
CA SER D 73 -1.86 17.27 -8.40
C SER D 73 -2.63 18.45 -7.84
N VAL D 74 -1.94 19.57 -7.63
CA VAL D 74 -2.56 20.77 -7.03
C VAL D 74 -2.30 21.99 -7.90
N LEU D 75 -3.37 22.71 -8.24
CA LEU D 75 -3.25 23.98 -8.94
C LEU D 75 -2.66 25.07 -8.05
N ARG D 76 -2.03 26.05 -8.70
CA ARG D 76 -1.33 27.15 -8.04
C ARG D 76 -2.16 27.88 -6.99
N GLY D 77 -3.41 28.20 -7.33
CA GLY D 77 -4.33 28.93 -6.45
C GLY D 77 -4.75 28.19 -5.18
N LYS D 78 -4.48 26.88 -5.14
CA LYS D 78 -4.87 26.03 -4.02
C LYS D 78 -3.71 25.50 -3.18
N LEU D 79 -2.49 25.83 -3.59
CA LEU D 79 -1.26 25.41 -2.88
C LEU D 79 -1.22 25.90 -1.42
N GLN D 80 -1.60 27.15 -1.20
CA GLN D 80 -1.67 27.72 0.15
C GLN D 80 -2.73 27.06 1.04
N LEU D 81 -3.82 26.58 0.42
CA LEU D 81 -4.86 25.84 1.15
C LEU D 81 -4.33 24.51 1.69
N VAL D 82 -3.46 23.84 0.91
CA VAL D 82 -2.77 22.63 1.37
C VAL D 82 -1.84 22.94 2.56
N GLY D 83 -1.06 24.01 2.44
CA GLY D 83 -0.14 24.46 3.50
C GLY D 83 -0.82 24.75 4.82
N THR D 84 -1.92 25.50 4.74
CA THR D 84 -2.74 25.89 5.90
C THR D 84 -3.31 24.69 6.66
N ALA D 85 -3.93 23.76 5.93
CA ALA D 85 -4.48 22.52 6.51
C ALA D 85 -3.41 21.64 7.13
N ALA D 86 -2.23 21.60 6.49
CA ALA D 86 -1.08 20.85 7.01
C ALA D 86 -0.57 21.43 8.33
N MET D 87 -0.51 22.76 8.40
CA MET D 87 -0.08 23.48 9.61
C MET D 87 -1.06 23.29 10.77
N LEU D 88 -2.36 23.31 10.45
CA LEU D 88 -3.42 23.01 11.41
C LEU D 88 -3.28 21.59 11.98
N LEU D 89 -3.09 20.61 11.09
CA LEU D 89 -2.92 19.21 11.47
C LEU D 89 -1.69 18.95 12.34
N ALA D 90 -0.57 19.56 11.96
CA ALA D 90 0.68 19.50 12.73
C ALA D 90 0.51 20.12 14.11
N SER D 91 -0.20 21.26 14.17
CA SER D 91 -0.53 21.94 15.43
C SER D 91 -1.38 21.06 16.34
N LYS D 92 -2.38 20.39 15.76
CA LYS D 92 -3.24 19.46 16.51
C LYS D 92 -2.45 18.26 17.05
N PHE D 93 -1.51 17.76 16.23
CA PHE D 93 -0.65 16.66 16.62
C PHE D 93 0.34 17.06 17.73
N GLU D 94 1.02 18.19 17.54
CA GLU D 94 2.21 18.55 18.31
C GLU D 94 2.02 19.58 19.45
N GLU D 95 1.14 20.56 19.24
CA GLU D 95 0.99 21.67 20.20
C GLU D 95 0.07 21.32 21.37
N ILE D 96 0.42 21.82 22.55
CA ILE D 96 -0.45 21.74 23.73
C ILE D 96 -1.69 22.62 23.49
N TYR D 97 -1.44 23.89 23.13
CA TYR D 97 -2.49 24.85 22.79
C TYR D 97 -2.37 25.22 21.32
N PRO D 98 -2.96 24.41 20.40
CA PRO D 98 -2.93 24.82 18.99
C PRO D 98 -3.83 26.03 18.74
N PRO D 99 -3.49 26.88 17.75
CA PRO D 99 -4.42 27.96 17.38
C PRO D 99 -5.74 27.39 16.85
N GLU D 100 -6.85 28.03 17.18
CA GLU D 100 -8.17 27.65 16.64
C GLU D 100 -8.22 27.81 15.12
N VAL D 101 -9.19 27.15 14.48
CA VAL D 101 -9.33 27.15 13.01
C VAL D 101 -9.48 28.56 12.42
N ALA D 102 -10.24 29.42 13.12
CA ALA D 102 -10.48 30.81 12.71
C ALA D 102 -9.17 31.59 12.51
N GLU D 103 -8.18 31.30 13.36
CA GLU D 103 -6.85 31.91 13.26
C GLU D 103 -6.09 31.45 12.00
N PHE D 104 -6.29 30.20 11.60
CA PHE D 104 -5.71 29.66 10.35
C PHE D 104 -6.36 30.24 9.08
N VAL D 105 -7.64 30.62 9.18
CA VAL D 105 -8.36 31.33 8.11
C VAL D 105 -7.83 32.76 7.98
N TYR D 106 -7.57 33.40 9.11
CA TYR D 106 -7.11 34.80 9.17
C TYR D 106 -5.79 35.04 8.42
N ILE D 107 -4.80 34.16 8.63
CA ILE D 107 -3.46 34.28 8.04
C ILE D 107 -3.37 34.07 6.53
N THR D 108 -4.38 33.43 5.95
CA THR D 108 -4.47 33.26 4.49
C THR D 108 -4.99 34.53 3.80
N ASP D 109 -5.30 35.55 4.61
CA ASP D 109 -5.82 36.87 4.17
C ASP D 109 -7.21 36.79 3.51
N ASP D 110 -8.04 35.86 4.03
CA ASP D 110 -9.43 35.62 3.58
C ASP D 110 -9.63 35.14 2.12
N THR D 111 -8.58 34.58 1.52
CA THR D 111 -8.69 33.94 0.20
C THR D 111 -9.47 32.62 0.26
N TYR D 112 -9.36 31.92 1.39
CA TYR D 112 -10.09 30.68 1.64
C TYR D 112 -11.06 30.83 2.81
N THR D 113 -12.16 30.08 2.76
CA THR D 113 -13.15 30.06 3.85
C THR D 113 -12.79 29.00 4.89
N LYS D 114 -13.48 29.05 6.03
CA LYS D 114 -13.34 28.09 7.13
C LYS D 114 -13.77 26.67 6.73
N LYS D 115 -14.78 26.61 5.86
CA LYS D 115 -15.29 25.35 5.32
C LYS D 115 -14.24 24.69 4.41
N GLN D 116 -13.60 25.49 3.55
CA GLN D 116 -12.55 25.03 2.64
C GLN D 116 -11.33 24.47 3.40
N VAL D 117 -10.93 25.16 4.46
CA VAL D 117 -9.80 24.73 5.30
C VAL D 117 -10.08 23.39 5.97
N LEU D 118 -11.27 23.25 6.54
CA LEU D 118 -11.67 22.02 7.25
C LEU D 118 -11.91 20.83 6.31
N ARG D 119 -12.41 21.10 5.11
CA ARG D 119 -12.56 20.06 4.09
C ARG D 119 -11.20 19.59 3.54
N MET D 120 -10.25 20.52 3.44
CA MET D 120 -8.87 20.21 3.07
C MET D 120 -8.14 19.45 4.18
N GLU D 121 -8.45 19.75 5.44
CA GLU D 121 -7.93 18.99 6.59
C GLU D 121 -8.25 17.51 6.42
N HIS D 122 -9.53 17.23 6.13
CA HIS D 122 -10.07 15.90 5.89
C HIS D 122 -9.39 15.20 4.71
N LEU D 123 -9.23 15.91 3.59
CA LEU D 123 -8.56 15.37 2.41
C LEU D 123 -7.10 15.00 2.70
N VAL D 124 -6.38 15.86 3.42
CA VAL D 124 -4.97 15.58 3.79
C VAL D 124 -4.87 14.31 4.65
N LEU D 125 -5.76 14.18 5.63
CA LEU D 125 -5.84 12.98 6.47
C LEU D 125 -6.11 11.71 5.67
N LYS D 126 -7.06 11.80 4.72
CA LYS D 126 -7.42 10.72 3.81
C LYS D 126 -6.21 10.28 2.99
N VAL D 127 -5.56 11.24 2.33
CA VAL D 127 -4.41 11.02 1.45
C VAL D 127 -3.20 10.44 2.21
N LEU D 128 -2.96 10.92 3.43
CA LEU D 128 -1.86 10.42 4.26
C LEU D 128 -2.22 9.19 5.10
N THR D 129 -3.43 8.67 4.91
CA THR D 129 -4.01 7.55 5.70
C THR D 129 -3.75 7.68 7.20
N PHE D 130 -3.95 8.91 7.71
CA PHE D 130 -3.80 9.27 9.14
C PHE D 130 -2.40 9.06 9.73
N ASP D 131 -1.40 8.84 8.87
CA ASP D 131 -0.04 8.57 9.33
C ASP D 131 0.76 9.87 9.53
N LEU D 132 0.61 10.47 10.71
CA LEU D 132 1.14 11.82 10.97
C LEU D 132 2.43 11.85 11.81
N ALA D 133 2.75 10.75 12.49
CA ALA D 133 3.90 10.67 13.38
C ALA D 133 5.22 10.45 12.63
N ALA D 134 5.59 11.42 11.80
CA ALA D 134 6.80 11.34 10.97
C ALA D 134 8.04 11.82 11.72
N PRO D 135 9.20 11.17 11.47
CA PRO D 135 10.48 11.70 11.96
C PRO D 135 10.90 12.94 11.20
N THR D 136 11.42 13.93 11.93
CA THR D 136 11.81 15.22 11.38
C THR D 136 13.30 15.46 11.66
N VAL D 137 13.92 16.35 10.88
CA VAL D 137 15.31 16.82 11.12
C VAL D 137 15.49 17.29 12.57
N ASN D 138 14.51 18.05 13.05
CA ASN D 138 14.43 18.50 14.45
C ASN D 138 14.54 17.38 15.49
N GLN D 139 13.88 16.26 15.25
CA GLN D 139 13.85 15.12 16.19
C GLN D 139 15.20 14.44 16.33
N PHE D 140 15.94 14.34 15.23
CA PHE D 140 17.29 13.78 15.25
C PHE D 140 18.30 14.76 15.86
N LEU D 141 18.09 16.07 15.66
CA LEU D 141 18.97 17.10 16.23
C LEU D 141 18.97 17.12 17.76
N THR D 142 17.77 17.13 18.38
CA THR D 142 17.64 17.11 19.85
C THR D 142 18.29 15.86 20.47
N GLN D 143 18.33 14.78 19.69
CA GLN D 143 19.05 13.58 20.07
C GLN D 143 20.57 13.77 19.97
N TYR D 144 21.03 14.46 18.92
CA TYR D 144 22.45 14.69 18.69
C TYR D 144 23.05 15.71 19.67
N PHE D 145 22.21 16.63 20.16
CA PHE D 145 22.65 17.70 21.08
C PHE D 145 23.12 17.19 22.45
N LEU D 146 22.59 16.04 22.87
CA LEU D 146 22.96 15.39 24.13
C LEU D 146 24.42 14.88 24.18
N HIS D 147 25.05 14.81 23.01
CA HIS D 147 26.43 14.31 22.86
C HIS D 147 27.51 15.37 23.06
N GLN D 148 27.10 16.65 23.13
CA GLN D 148 27.98 17.76 23.52
C GLN D 148 28.36 17.60 24.99
N GLN D 149 29.64 17.51 25.28
CA GLN D 149 30.11 17.38 26.66
C GLN D 149 30.07 18.71 27.43
N PRO D 150 30.58 19.82 26.84
CA PRO D 150 30.07 21.10 27.30
C PRO D 150 28.93 21.58 26.39
N ALA D 151 27.72 21.63 26.93
CA ALA D 151 26.52 21.99 26.17
C ALA D 151 26.51 23.48 25.80
N ASN D 152 26.53 23.75 24.50
CA ASN D 152 26.53 25.11 23.96
C ASN D 152 25.23 25.46 23.24
N CYS D 153 24.70 26.65 23.54
CA CYS D 153 23.44 27.13 22.97
C CYS D 153 23.58 27.69 21.55
N LYS D 154 24.75 28.28 21.25
CA LYS D 154 25.04 28.84 19.92
C LYS D 154 25.19 27.78 18.84
N VAL D 155 25.66 26.60 19.24
CA VAL D 155 25.73 25.43 18.35
C VAL D 155 24.32 24.93 18.02
N GLU D 156 23.54 24.70 19.08
CA GLU D 156 22.16 24.20 18.99
C GLU D 156 21.28 25.03 18.07
N SER D 157 21.27 26.35 18.29
CA SER D 157 20.46 27.29 17.51
C SER D 157 20.88 27.38 16.04
N LEU D 158 22.19 27.32 15.78
CA LEU D 158 22.72 27.34 14.41
C LEU D 158 22.42 26.04 13.65
N ALA D 159 22.38 24.93 14.38
CA ALA D 159 21.99 23.62 13.84
C ALA D 159 20.50 23.61 13.46
N MET D 160 19.67 24.24 14.31
CA MET D 160 18.24 24.44 14.04
C MET D 160 18.04 25.31 12.81
N PHE D 161 18.83 26.39 12.73
CA PHE D 161 18.81 27.35 11.62
C PHE D 161 19.15 26.69 10.27
N LEU D 162 20.22 25.91 10.25
CA LEU D 162 20.70 25.24 9.03
C LEU D 162 19.72 24.18 8.52
N GLY D 163 19.20 23.38 9.44
CA GLY D 163 18.20 22.36 9.14
C GLY D 163 16.88 22.95 8.65
N GLU D 164 16.53 24.12 9.19
CA GLU D 164 15.34 24.86 8.80
C GLU D 164 15.42 25.36 7.37
N LEU D 165 16.61 25.80 6.95
CA LEU D 165 16.84 26.31 5.58
C LEU D 165 16.72 25.24 4.49
N SER D 166 17.00 24.00 4.85
CA SER D 166 16.86 22.85 3.95
C SER D 166 15.41 22.58 3.53
N LEU D 167 14.47 23.00 4.38
CA LEU D 167 13.02 22.85 4.14
C LEU D 167 12.51 23.71 2.99
N ILE D 168 13.21 24.83 2.75
CA ILE D 168 12.87 25.81 1.70
C ILE D 168 13.10 25.25 0.30
N ASP D 169 14.16 24.46 0.14
CA ASP D 169 14.63 24.04 -1.20
C ASP D 169 14.51 22.52 -1.44
N ALA D 170 13.51 22.15 -2.23
CA ALA D 170 13.23 20.74 -2.57
C ALA D 170 14.37 20.13 -3.37
N ASP D 171 14.85 20.88 -4.37
CA ASP D 171 16.15 20.63 -4.99
C ASP D 171 17.17 21.50 -4.22
N PRO D 172 18.07 20.89 -3.46
CA PRO D 172 18.34 19.43 -3.51
C PRO D 172 17.88 18.58 -2.32
N TYR D 173 17.28 19.19 -1.29
CA TYR D 173 17.12 18.52 0.03
C TYR D 173 16.07 17.41 0.18
N LEU D 174 15.25 17.19 -0.84
CA LEU D 174 14.30 16.08 -0.85
C LEU D 174 14.97 14.71 -0.94
N LYS D 175 16.12 14.63 -1.61
CA LYS D 175 16.85 13.38 -1.80
C LYS D 175 17.59 12.87 -0.55
N TYR D 176 17.79 13.77 0.43
CA TYR D 176 18.42 13.41 1.70
C TYR D 176 17.38 13.12 2.79
N LEU D 177 17.65 12.09 3.59
CA LEU D 177 16.82 11.72 4.74
C LEU D 177 17.07 12.63 5.94
N PRO D 178 16.02 12.90 6.76
CA PRO D 178 16.12 13.75 7.96
C PRO D 178 17.34 13.53 8.87
N SER D 179 17.74 12.27 9.07
CA SER D 179 18.90 11.94 9.93
C SER D 179 20.24 12.40 9.34
N VAL D 180 20.34 12.35 8.00
CA VAL D 180 21.51 12.83 7.26
C VAL D 180 21.59 14.38 7.30
N ILE D 181 20.47 15.05 6.98
CA ILE D 181 20.35 16.51 7.02
C ILE D 181 20.74 17.04 8.41
N ALA D 182 20.18 16.42 9.45
CA ALA D 182 20.50 16.73 10.84
C ALA D 182 22.00 16.53 11.16
N GLY D 183 22.60 15.52 10.55
CA GLY D 183 24.04 15.25 10.68
C GLY D 183 24.89 16.37 10.09
N ALA D 184 24.61 16.70 8.84
CA ALA D 184 25.29 17.80 8.12
C ALA D 184 25.10 19.16 8.79
N ALA D 185 23.91 19.39 9.36
CA ALA D 185 23.60 20.64 10.08
C ALA D 185 24.34 20.74 11.41
N PHE D 186 24.48 19.62 12.12
CA PHE D 186 25.15 19.58 13.42
C PHE D 186 26.67 19.77 13.29
N HIS D 187 27.27 19.13 12.27
CA HIS D 187 28.70 19.25 12.01
C HIS D 187 29.10 20.66 11.59
N LEU D 188 28.31 21.25 10.67
CA LEU D 188 28.56 22.61 10.17
C LEU D 188 28.35 23.67 11.26
N ALA D 189 27.40 23.43 12.16
CA ALA D 189 27.15 24.32 13.29
C ALA D 189 28.25 24.23 14.36
N LEU D 190 28.83 23.04 14.50
CA LEU D 190 29.91 22.79 15.46
C LEU D 190 31.25 23.35 14.95
N TYR D 191 31.49 23.19 13.65
CA TYR D 191 32.71 23.71 13.01
C TYR D 191 32.74 25.24 12.89
N THR D 192 31.57 25.87 12.76
CA THR D 192 31.48 27.33 12.65
C THR D 192 31.69 28.01 14.01
N VAL D 193 31.00 27.52 15.04
CA VAL D 193 31.03 28.11 16.39
C VAL D 193 32.35 27.81 17.12
N THR D 194 32.74 26.52 17.17
CA THR D 194 33.88 26.08 17.97
C THR D 194 35.11 25.66 17.17
N GLY D 195 34.89 25.13 15.96
CA GLY D 195 35.96 24.59 15.12
C GLY D 195 36.08 23.07 15.19
N GLN D 196 35.41 22.48 16.19
CA GLN D 196 35.38 21.03 16.42
C GLN D 196 34.62 20.27 15.32
N SER D 197 34.83 18.96 15.27
CA SER D 197 34.27 18.11 14.22
C SER D 197 33.22 17.11 14.73
N TRP D 198 32.50 16.51 13.78
CA TRP D 198 31.48 15.47 14.00
C TRP D 198 31.99 14.35 14.93
N PRO D 199 31.45 14.27 16.16
CA PRO D 199 32.02 13.48 17.27
C PRO D 199 32.06 11.97 17.03
N GLU D 200 33.02 11.30 17.67
CA GLU D 200 33.15 9.84 17.67
C GLU D 200 31.93 9.16 18.29
N SER D 201 31.37 9.82 19.32
CA SER D 201 30.17 9.39 20.03
C SER D 201 28.96 9.21 19.10
N LEU D 202 28.84 10.09 18.11
CA LEU D 202 27.74 10.04 17.13
C LEU D 202 28.02 9.14 15.92
N ILE D 203 29.28 8.72 15.74
CA ILE D 203 29.64 7.82 14.64
C ILE D 203 29.16 6.38 14.92
N ARG D 204 29.37 5.90 16.15
CA ARG D 204 28.88 4.57 16.56
C ARG D 204 27.37 4.52 16.82
N LYS D 205 26.75 5.68 17.09
CA LYS D 205 25.30 5.77 17.24
C LYS D 205 24.58 5.70 15.90
N THR D 206 25.04 6.50 14.93
CA THR D 206 24.34 6.70 13.66
C THR D 206 24.86 5.83 12.51
N GLY D 207 26.16 5.55 12.53
CA GLY D 207 26.83 4.81 11.45
C GLY D 207 27.21 5.73 10.28
N TYR D 208 27.20 7.04 10.54
CA TYR D 208 27.58 8.04 9.54
C TYR D 208 28.98 8.57 9.80
N THR D 209 29.77 8.67 8.73
CA THR D 209 31.07 9.35 8.75
C THR D 209 30.94 10.68 7.99
N LEU D 210 32.01 11.49 8.01
CA LEU D 210 32.06 12.72 7.21
C LEU D 210 32.07 12.42 5.71
N GLU D 211 32.51 11.21 5.37
CA GLU D 211 32.44 10.67 4.01
C GLU D 211 30.99 10.36 3.61
N SER D 212 30.20 9.89 4.58
CA SER D 212 28.75 9.65 4.39
C SER D 212 27.99 10.95 4.21
N LEU D 213 28.29 11.94 5.05
CA LEU D 213 27.59 13.22 5.08
C LEU D 213 28.07 14.22 4.02
N LYS D 214 29.19 13.92 3.36
CA LYS D 214 29.85 14.80 2.39
C LYS D 214 28.95 15.42 1.29
N PRO D 215 28.16 14.59 0.55
CA PRO D 215 27.35 15.20 -0.53
C PRO D 215 26.29 16.19 -0.03
N CYS D 216 25.67 15.87 1.11
CA CYS D 216 24.70 16.75 1.78
C CYS D 216 25.39 17.97 2.38
N LEU D 217 26.57 17.75 2.96
CA LEU D 217 27.37 18.80 3.61
C LEU D 217 27.82 19.88 2.63
N MET D 218 28.11 19.47 1.39
CA MET D 218 28.49 20.39 0.31
C MET D 218 27.33 21.30 -0.08
N ASP D 219 26.14 20.71 -0.22
CA ASP D 219 24.92 21.45 -0.58
C ASP D 219 24.51 22.46 0.50
N LEU D 220 24.62 22.05 1.76
CA LEU D 220 24.23 22.88 2.92
C LEU D 220 25.20 24.03 3.16
N HIS D 221 26.48 23.77 2.90
CA HIS D 221 27.54 24.78 2.92
C HIS D 221 27.26 25.88 1.90
N GLN D 222 26.91 25.48 0.68
CA GLN D 222 26.50 26.40 -0.39
C GLN D 222 25.27 27.22 -0.02
N THR D 223 24.29 26.57 0.62
CA THR D 223 23.04 27.20 1.05
C THR D 223 23.29 28.21 2.18
N TYR D 224 24.20 27.88 3.10
CA TYR D 224 24.62 28.78 4.18
C TYR D 224 25.35 30.02 3.64
N LEU D 225 26.21 29.81 2.63
CA LEU D 225 26.94 30.89 1.97
C LEU D 225 26.02 31.84 1.20
N LYS D 226 25.06 31.26 0.47
CA LYS D 226 24.14 32.02 -0.38
C LYS D 226 22.89 32.54 0.33
N ALA D 227 22.74 32.19 1.62
CA ALA D 227 21.57 32.55 2.43
C ALA D 227 21.15 34.05 2.42
N PRO D 228 22.13 35.01 2.43
CA PRO D 228 21.70 36.41 2.27
C PRO D 228 21.16 36.80 0.88
N GLN D 229 21.44 36.01 -0.15
CA GLN D 229 20.95 36.27 -1.53
C GLN D 229 19.66 35.55 -1.90
N HIS D 230 19.27 34.56 -1.08
CA HIS D 230 18.06 33.76 -1.31
C HIS D 230 16.82 34.65 -1.30
N ALA D 231 15.89 34.37 -2.22
CA ALA D 231 14.62 35.10 -2.33
C ALA D 231 13.76 35.00 -1.06
N GLN D 232 13.88 33.89 -0.36
CA GLN D 232 13.18 33.66 0.91
C GLN D 232 14.09 33.99 2.08
N GLN D 233 13.56 34.76 3.03
CA GLN D 233 14.36 35.43 4.06
C GLN D 233 13.83 35.33 5.50
N SER D 234 12.66 34.72 5.67
CA SER D 234 11.98 34.63 6.98
C SER D 234 12.76 33.89 8.07
N ILE D 235 13.53 32.88 7.69
CA ILE D 235 14.33 32.08 8.65
C ILE D 235 15.50 32.89 9.20
N ARG D 236 16.20 33.61 8.32
CA ARG D 236 17.28 34.53 8.73
C ARG D 236 16.77 35.60 9.70
N GLU D 237 15.63 36.19 9.37
CA GLU D 237 14.96 37.18 10.24
C GLU D 237 14.55 36.58 11.59
N LYS D 238 14.09 35.33 11.57
CA LYS D 238 13.71 34.59 12.79
C LYS D 238 14.92 34.38 13.70
N TYR D 239 16.04 33.95 13.13
CA TYR D 239 17.25 33.59 13.87
C TYR D 239 18.23 34.75 14.12
N LYS D 240 17.75 35.97 13.92
CA LYS D 240 18.46 37.20 14.33
C LYS D 240 18.25 37.49 15.82
N ASN D 241 17.13 37.03 16.35
CA ASN D 241 16.67 37.37 17.71
C ASN D 241 17.52 36.80 18.85
N SER D 242 17.37 37.41 20.02
CA SER D 242 18.04 36.97 21.25
C SER D 242 17.54 35.60 21.76
N LYS D 243 16.36 35.19 21.30
CA LYS D 243 15.80 33.87 21.58
C LYS D 243 16.63 32.77 20.92
N TYR D 244 17.14 33.04 19.72
CA TYR D 244 17.98 32.11 18.98
C TYR D 244 19.45 32.55 18.92
N HIS D 245 19.83 33.42 19.86
CA HIS D 245 21.22 33.89 20.09
C HIS D 245 21.89 34.62 18.91
N GLY D 246 21.08 35.11 17.98
CA GLY D 246 21.53 35.88 16.81
C GLY D 246 22.42 35.13 15.83
N VAL D 247 22.27 33.81 15.79
CA VAL D 247 23.16 32.90 15.04
C VAL D 247 23.17 33.11 13.52
N SER D 248 22.10 33.69 12.98
CA SER D 248 21.99 33.98 11.54
C SER D 248 22.93 35.09 11.07
N LEU D 249 23.38 35.94 12.01
CA LEU D 249 24.32 37.04 11.73
C LEU D 249 25.77 36.56 11.59
N LEU D 250 26.11 35.46 12.27
CA LEU D 250 27.45 34.87 12.23
C LEU D 250 27.90 34.52 10.81
N ASN D 251 29.19 34.73 10.54
CA ASN D 251 29.77 34.51 9.23
C ASN D 251 30.06 33.04 8.95
N PRO D 252 29.53 32.50 7.83
CA PRO D 252 29.83 31.13 7.41
C PRO D 252 31.32 30.95 7.08
N PRO D 253 31.91 29.77 7.41
CA PRO D 253 33.32 29.50 7.11
C PRO D 253 33.58 29.49 5.60
N GLU D 254 34.79 29.92 5.22
CA GLU D 254 35.22 29.94 3.81
C GLU D 254 35.37 28.53 3.24
N THR D 255 36.01 27.64 4.01
CA THR D 255 36.27 26.26 3.61
C THR D 255 35.96 25.27 4.72
N LEU D 256 35.72 24.03 4.34
CA LEU D 256 35.39 22.95 5.26
C LEU D 256 36.62 22.10 5.63
N ASN D 257 37.51 21.91 4.65
CA ASN D 257 38.72 21.09 4.74
C ASN D 257 38.46 19.62 5.12
N LEU D 258 38.21 18.80 4.11
CA LEU D 258 37.89 17.39 4.28
C LEU D 258 38.92 16.47 3.60
O32 6ZK E . -17.10 2.54 -29.41
C31 6ZK E . -16.91 3.69 -29.76
N33 6ZK E . -17.15 4.08 -31.02
C28 6ZK E . -16.37 4.69 -28.76
C29 6ZK E . -16.79 6.04 -28.74
C30 6ZK E . -16.25 6.93 -27.80
C27 6ZK E . -15.44 4.23 -27.84
C26 6ZK E . -14.92 5.12 -26.90
C25 6ZK E . -15.33 6.46 -26.85
C22 6ZK E . -14.65 7.30 -25.84
C21 6ZK E . -13.71 8.22 -26.29
C20 6ZK E . -13.00 9.01 -25.39
C23 6ZK E . -14.86 7.12 -24.45
C24 6ZK E . -14.14 7.92 -23.54
C19 6ZK E . -13.23 8.87 -24.01
C3 6ZK E . -12.40 9.72 -23.10
N4 6ZK E . -11.94 9.20 -21.92
C5 6ZK E . -11.16 10.00 -21.16
C9 6ZK E . -10.50 9.82 -19.86
BR1 6ZK E . -10.60 8.17 -18.73
C2 6ZK E . -11.99 11.00 -23.48
C1 6ZK E . -11.19 11.79 -22.65
N6 6ZK E . -10.77 11.23 -21.49
N7 6ZK E . -9.96 11.85 -20.52
C8 6ZK E . -9.78 10.95 -19.51
N11 6ZK E . -10.82 13.06 -23.01
C12 6ZK E . -11.20 13.70 -24.27
C13 6ZK E . -12.28 14.74 -24.13
C18 6ZK E . -12.21 15.75 -23.15
C17 6ZK E . -13.23 16.69 -23.06
C16 6ZK E . -14.30 16.61 -23.96
N15 6ZK E . -14.35 15.64 -24.90
C14 6ZK E . -13.37 14.71 -25.01
C1 SGM F . -1.16 -7.35 -3.73
C2 SGM F . -0.82 -5.95 -4.25
O2 SGM F . -0.32 -5.99 -5.61
C3 SGM F . 0.22 -5.32 -3.35
O3 SGM F . 0.63 -4.07 -3.95
S1 SGM F . -1.71 -8.50 -5.02
MG MG G . -7.25 -20.87 15.10
O32 6ZK H . -14.73 7.15 33.70
C31 6ZK H . -15.65 6.93 32.93
N33 6ZK H . -16.75 7.67 32.94
C28 6ZK H . -15.52 5.79 31.94
C29 6ZK H . -14.29 5.57 31.30
C30 6ZK H . -14.16 4.53 30.38
C27 6ZK H . -16.62 4.95 31.66
C26 6ZK H . -16.49 3.90 30.74
C25 6ZK H . -15.26 3.70 30.10
C22 6ZK H . -15.03 2.61 29.11
C21 6ZK H . -14.74 1.33 29.61
C20 6ZK H . -14.51 0.29 28.72
C23 6ZK H . -15.09 2.84 27.73
C24 6ZK H . -14.87 1.79 26.83
C19 6ZK H . -14.58 0.50 27.33
C3 6ZK H . -14.30 -0.66 26.43
N4 6ZK H . -13.71 -0.45 25.22
C5 6ZK H . -13.45 -1.54 24.47
C9 6ZK H . -12.84 -1.72 23.13
BR1 6ZK H . -12.16 -0.21 22.00
C2 6ZK H . -14.60 -1.97 26.82
C1 6ZK H . -14.30 -3.06 25.99
N6 6ZK H . -13.72 -2.80 24.80
N7 6ZK H . -13.35 -3.75 23.82
C8 6ZK H . -12.79 -3.06 22.77
N11 6ZK H . -14.59 -4.35 26.35
C12 6ZK H . -15.21 -4.74 27.63
C13 6ZK H . -16.71 -4.62 27.72
C18 6ZK H . -17.54 -5.24 26.78
C17 6ZK H . -18.92 -5.12 26.92
C16 6ZK H . -19.44 -4.39 28.00
N15 6ZK H . -18.61 -3.81 28.90
C14 6ZK H . -17.27 -3.92 28.79
C1 SGM I . 4.06 6.63 8.57
C2 SGM I . 4.41 5.42 7.70
O2 SGM I . 4.07 5.66 6.33
C3 SGM I . 3.60 4.23 8.21
O3 SGM I . 3.86 3.10 7.37
S1 SGM I . 4.41 8.24 7.81
#